data_9KUN
#
_entry.id   9KUN
#
_cell.length_a   149.416
_cell.length_b   223.007
_cell.length_c   62.858
_cell.angle_alpha   90.00
_cell.angle_beta   115.28
_cell.angle_gamma   90.00
#
_symmetry.space_group_name_H-M   'C 1 2 1'
#
loop_
_entity.id
_entity.type
_entity.pdbx_description
1 polymer 'Alternative oxidase, mitochondrial'
2 non-polymer 'FE (III) ION'
3 non-polymer 'HYDROXIDE ION'
4 non-polymer 'octyl beta-D-glucopyranoside'
5 water water
#
_entity_poly.entity_id   1
_entity_poly.type   'polypeptide(L)'
_entity_poly.pdbx_seq_one_letter_code
;TPVWGHTQLNRLSFLETVPVVPLRVSDESSEDRPTWSLPDIENVAITHKKPNGLVDTLAYRSVRTCRWLFDTFSLYRFGS
ITESKVISRCLFLETVAGVPGMVGGMLRHLSSLRYMTRDKGWINTLLVEAENERMHLMTFIELRQPGLPLRVSIIITQAI
MYLFLLVAYVISPRFVHRFVGYLEEEAVITYTGVMRAIDEGRLRPTKNDVPEVARVYWNLSKNATFRDLINVIRADEAEH
RVVNHTFADMHEKRLQNSVNPFVVLKKNPEE
;
_entity_poly.pdbx_strand_id   A,B,C,D
#
# COMPACT_ATOMS: atom_id res chain seq x y z
N VAL A 3 13.44 12.64 3.54
CA VAL A 3 12.57 11.50 3.95
C VAL A 3 11.91 10.95 2.69
N TRP A 4 12.66 10.06 2.03
CA TRP A 4 12.17 9.26 0.89
C TRP A 4 12.41 7.75 1.18
N GLY A 5 11.45 7.15 1.85
CA GLY A 5 11.56 5.78 2.32
C GLY A 5 10.37 4.92 1.93
N HIS A 6 10.23 3.80 2.62
CA HIS A 6 9.41 2.73 2.13
C HIS A 6 7.95 3.09 2.16
N THR A 7 7.59 4.11 2.94
CA THR A 7 6.20 4.56 3.09
C THR A 7 5.71 5.35 1.88
N GLN A 8 6.60 6.14 1.29
CA GLN A 8 6.31 6.91 0.07
C GLN A 8 6.47 6.01 -1.17
N LEU A 9 7.47 5.12 -1.13
CA LEU A 9 7.58 4.06 -2.10
C LEU A 9 6.35 3.17 -2.18
N ASN A 10 5.64 3.00 -1.06
CA ASN A 10 4.39 2.19 -1.07
C ASN A 10 3.09 2.93 -1.42
N ARG A 11 3.21 4.17 -1.91
CA ARG A 11 2.04 4.94 -2.32
C ARG A 11 1.75 4.85 -3.81
N LEU A 12 0.50 4.48 -4.12
CA LEU A 12 -0.05 4.50 -5.49
C LEU A 12 0.29 5.72 -6.36
N SER A 13 0.10 6.93 -5.85
CA SER A 13 0.26 8.13 -6.66
C SER A 13 0.38 9.37 -5.82
N PHE A 14 1.15 10.33 -6.30
CA PHE A 14 1.24 11.64 -5.69
C PHE A 14 0.54 12.79 -6.50
N LEU A 15 -0.49 12.47 -7.30
CA LEU A 15 -1.35 13.48 -7.99
C LEU A 15 -1.85 14.60 -7.08
N GLU A 16 -2.17 14.23 -5.84
CA GLU A 16 -2.77 15.10 -4.85
C GLU A 16 -1.80 16.19 -4.42
N THR A 17 -0.50 15.93 -4.47
CA THR A 17 0.50 16.93 -4.08
C THR A 17 0.81 18.02 -5.11
N VAL A 18 0.42 17.86 -6.37
CA VAL A 18 0.90 18.84 -7.37
C VAL A 18 0.41 20.28 -7.13
N PRO A 19 -0.77 20.47 -6.49
CA PRO A 19 -1.19 21.83 -6.10
C PRO A 19 -0.22 22.58 -5.14
N VAL A 20 0.46 21.85 -4.28
CA VAL A 20 1.22 22.46 -3.19
C VAL A 20 2.73 22.44 -3.40
N VAL A 21 3.22 21.90 -4.53
CA VAL A 21 4.66 21.94 -4.75
C VAL A 21 5.01 23.20 -5.53
N PRO A 22 5.93 24.02 -5.00
CA PRO A 22 6.24 25.33 -5.61
C PRO A 22 7.04 25.24 -6.91
N LEU A 23 6.85 26.23 -7.80
CA LEU A 23 7.60 26.33 -9.04
C LEU A 23 8.90 27.01 -8.67
N ARG A 24 10.00 26.27 -8.73
CA ARG A 24 11.35 26.78 -8.44
C ARG A 24 12.21 26.73 -9.69
N VAL A 25 12.98 27.79 -9.82
CA VAL A 25 13.80 28.00 -10.98
C VAL A 25 15.08 27.12 -10.95
N SER A 26 15.41 26.63 -9.75
CA SER A 26 16.48 25.62 -9.56
C SER A 26 16.11 24.25 -10.14
N ASP A 27 14.82 23.92 -10.13
CA ASP A 27 14.34 22.61 -10.56
C ASP A 27 14.17 22.49 -12.09
N GLU A 28 14.43 23.56 -12.84
CA GLU A 28 14.34 23.53 -14.29
C GLU A 28 15.45 22.70 -14.95
N SER A 29 16.54 22.45 -14.22
CA SER A 29 17.70 21.67 -14.66
C SER A 29 18.12 20.59 -13.67
N SER A 30 19.06 19.77 -14.09
CA SER A 30 19.82 18.91 -13.21
C SER A 30 20.65 19.77 -12.30
N GLU A 31 21.19 19.17 -11.25
CA GLU A 31 22.10 19.89 -10.35
C GLU A 31 23.55 19.94 -10.83
N ASP A 32 23.79 19.47 -12.05
CA ASP A 32 25.08 19.50 -12.70
C ASP A 32 25.21 20.81 -13.46
N ARG A 33 25.44 21.89 -12.72
CA ARG A 33 25.50 23.22 -13.29
C ARG A 33 26.93 23.63 -13.51
N PRO A 34 27.17 24.48 -14.52
CA PRO A 34 28.49 25.05 -14.68
C PRO A 34 28.82 26.01 -13.58
N THR A 35 30.11 26.23 -13.39
CA THR A 35 30.65 27.00 -12.25
C THR A 35 31.84 27.85 -12.71
N TRP A 36 31.60 28.80 -13.57
CA TRP A 36 32.67 29.59 -14.12
C TRP A 36 33.04 30.74 -13.21
N SER A 37 34.25 31.26 -13.38
CA SER A 37 34.78 32.43 -12.68
C SER A 37 34.97 33.50 -13.74
N LEU A 38 34.24 34.60 -13.61
CA LEU A 38 34.07 35.52 -14.74
C LEU A 38 35.37 36.06 -15.33
N PRO A 39 36.29 36.59 -14.48
CA PRO A 39 37.52 37.20 -15.03
C PRO A 39 38.50 36.21 -15.72
N ASP A 40 38.44 34.93 -15.31
CA ASP A 40 39.03 33.77 -16.04
C ASP A 40 38.50 33.60 -17.49
N ILE A 41 37.19 33.32 -17.55
CA ILE A 41 36.52 32.97 -18.79
C ILE A 41 36.43 34.15 -19.71
N GLU A 42 36.53 35.37 -19.20
CA GLU A 42 36.87 36.57 -20.00
C GLU A 42 37.86 36.33 -21.14
N ASN A 43 38.89 35.50 -20.89
CA ASN A 43 39.93 35.14 -21.87
C ASN A 43 39.65 33.92 -22.77
N VAL A 44 38.41 33.47 -22.87
CA VAL A 44 38.05 32.50 -23.85
C VAL A 44 38.31 33.12 -25.22
N ALA A 45 38.80 32.30 -26.14
CA ALA A 45 39.28 32.78 -27.41
C ALA A 45 38.70 31.93 -28.59
N ILE A 46 38.96 32.36 -29.81
CA ILE A 46 38.32 31.88 -31.01
C ILE A 46 39.30 30.94 -31.71
N THR A 47 39.02 29.64 -31.66
CA THR A 47 39.86 28.63 -32.26
C THR A 47 39.26 28.13 -33.55
N HIS A 48 40.09 27.48 -34.35
CA HIS A 48 39.66 26.78 -35.58
C HIS A 48 40.45 25.50 -35.72
N LYS A 49 39.77 24.39 -35.97
CA LYS A 49 40.41 23.08 -36.00
C LYS A 49 40.51 22.59 -37.44
N LYS A 50 41.74 22.35 -37.89
CA LYS A 50 42.02 21.79 -39.19
C LYS A 50 41.13 20.58 -39.41
N PRO A 51 40.45 20.51 -40.56
CA PRO A 51 39.77 19.26 -40.92
C PRO A 51 40.83 18.20 -41.21
N ASN A 52 40.57 16.95 -40.84
CA ASN A 52 41.51 15.84 -41.09
C ASN A 52 41.29 15.28 -42.46
N GLY A 53 40.06 14.86 -42.72
CA GLY A 53 39.70 14.24 -43.98
C GLY A 53 38.44 14.81 -44.61
N LEU A 54 37.85 14.01 -45.48
CA LEU A 54 36.71 14.46 -46.24
C LEU A 54 35.49 14.72 -45.37
N VAL A 55 35.32 13.88 -44.35
CA VAL A 55 34.20 14.00 -43.42
C VAL A 55 34.25 15.33 -42.67
N ASP A 56 35.41 15.66 -42.09
CA ASP A 56 35.58 16.90 -41.36
C ASP A 56 35.32 18.05 -42.29
N THR A 57 35.88 17.97 -43.50
CA THR A 57 35.63 18.99 -44.55
C THR A 57 34.15 19.18 -44.88
N LEU A 58 33.46 18.06 -45.03
CA LEU A 58 32.05 18.06 -45.33
C LEU A 58 31.30 18.65 -44.14
N ALA A 59 31.67 18.27 -42.91
CA ALA A 59 31.07 18.92 -41.75
C ALA A 59 31.35 20.43 -41.77
N TYR A 60 32.60 20.80 -41.98
CA TYR A 60 32.96 22.22 -42.05
C TYR A 60 32.11 22.99 -43.09
N ARG A 61 31.95 22.42 -44.29
CA ARG A 61 31.16 23.07 -45.35
C ARG A 61 29.69 23.14 -45.06
N SER A 62 29.16 22.13 -44.36
CA SER A 62 27.76 22.18 -43.96
C SER A 62 27.57 23.35 -43.02
N VAL A 63 28.43 23.45 -42.00
CA VAL A 63 28.29 24.52 -41.02
C VAL A 63 28.39 25.86 -41.73
N ARG A 64 29.32 26.00 -42.66
CA ARG A 64 29.48 27.28 -43.32
C ARG A 64 28.36 27.63 -44.26
N THR A 65 27.83 26.67 -45.04
CA THR A 65 26.64 26.96 -45.86
C THR A 65 25.40 27.26 -45.02
N CYS A 66 25.17 26.58 -43.91
CA CYS A 66 24.09 26.98 -42.99
C CYS A 66 24.18 28.39 -42.47
N ARG A 67 25.39 28.84 -42.13
CA ARG A 67 25.62 30.19 -41.63
C ARG A 67 25.22 31.19 -42.69
N TRP A 68 25.68 30.98 -43.90
CA TRP A 68 25.37 31.89 -44.98
C TRP A 68 23.86 31.98 -45.21
N LEU A 69 23.22 30.85 -45.49
CA LEU A 69 21.75 30.74 -45.54
C LEU A 69 21.05 31.50 -44.40
N PHE A 70 21.46 31.19 -43.18
CA PHE A 70 20.76 31.69 -42.02
C PHE A 70 21.02 33.19 -41.82
N ASP A 71 22.21 33.66 -42.18
CA ASP A 71 22.53 35.09 -42.13
C ASP A 71 21.75 35.84 -43.20
N THR A 72 21.57 35.26 -44.38
CA THR A 72 20.83 35.97 -45.45
C THR A 72 19.32 35.95 -45.24
N PHE A 73 18.70 34.82 -44.93
CA PHE A 73 17.24 34.87 -44.67
C PHE A 73 16.84 35.54 -43.34
N SER A 74 17.75 35.61 -42.35
CA SER A 74 17.57 36.44 -41.13
C SER A 74 18.01 37.91 -41.27
N LEU A 75 18.38 38.33 -42.48
CA LEU A 75 18.69 39.75 -42.75
C LEU A 75 19.69 40.31 -41.74
N TYR A 76 20.77 39.58 -41.48
CA TYR A 76 21.67 39.93 -40.37
C TYR A 76 22.58 41.10 -40.77
N ARG A 77 23.20 41.00 -41.93
CA ARG A 77 23.81 42.17 -42.61
C ARG A 77 22.93 43.46 -42.64
N PHE A 78 21.60 43.33 -42.85
CA PHE A 78 20.69 44.46 -43.14
C PHE A 78 20.18 45.19 -41.91
N GLY A 79 20.46 46.49 -41.84
CA GLY A 79 20.25 47.28 -40.63
C GLY A 79 21.47 47.23 -39.72
N SER A 80 21.23 47.56 -38.45
CA SER A 80 22.27 47.68 -37.46
C SER A 80 22.29 46.46 -36.55
N ILE A 81 23.44 46.17 -35.95
CA ILE A 81 23.55 45.22 -34.84
C ILE A 81 22.70 45.66 -33.63
N THR A 82 21.44 45.21 -33.58
CA THR A 82 20.52 45.62 -32.50
C THR A 82 20.54 44.59 -31.36
N GLU A 83 19.93 44.90 -30.21
CA GLU A 83 19.68 43.88 -29.15
C GLU A 83 18.61 42.87 -29.64
N SER A 84 17.51 43.38 -30.18
CA SER A 84 16.45 42.56 -30.77
C SER A 84 16.95 41.50 -31.69
N LYS A 85 17.83 41.86 -32.61
CA LYS A 85 18.28 40.91 -33.63
C LYS A 85 19.41 39.94 -33.19
N VAL A 86 20.09 40.23 -32.08
CA VAL A 86 20.97 39.25 -31.44
C VAL A 86 20.11 38.20 -30.74
N ILE A 87 19.39 38.62 -29.71
CA ILE A 87 18.50 37.70 -28.96
C ILE A 87 17.65 36.85 -29.87
N SER A 88 17.02 37.46 -30.85
CA SER A 88 16.14 36.75 -31.73
C SER A 88 16.86 35.70 -32.57
N ARG A 89 18.13 35.89 -32.92
CA ARG A 89 18.87 34.87 -33.67
C ARG A 89 19.35 33.71 -32.75
N CYS A 90 19.82 34.03 -31.55
CA CYS A 90 20.19 33.01 -30.55
C CYS A 90 18.99 32.17 -30.09
N LEU A 91 17.80 32.75 -30.04
CA LEU A 91 16.58 31.97 -29.82
C LEU A 91 16.55 30.84 -30.80
N PHE A 92 16.59 31.18 -32.09
CA PHE A 92 16.50 30.19 -33.13
C PHE A 92 17.65 29.16 -33.02
N LEU A 93 18.88 29.64 -32.90
CA LEU A 93 20.03 28.75 -32.82
C LEU A 93 20.04 27.74 -31.62
N GLU A 94 19.56 28.15 -30.44
CA GLU A 94 19.49 27.23 -29.32
C GLU A 94 18.35 26.18 -29.38
N THR A 95 17.35 26.42 -30.20
CA THR A 95 16.36 25.38 -30.46
C THR A 95 16.91 24.20 -31.29
N VAL A 96 17.89 24.51 -32.11
CA VAL A 96 18.59 23.52 -32.90
C VAL A 96 19.72 22.92 -32.08
N ALA A 97 20.34 23.71 -31.19
CA ALA A 97 21.56 23.28 -30.42
C ALA A 97 21.30 22.34 -29.27
N GLY A 98 20.11 22.43 -28.72
CA GLY A 98 19.64 21.40 -27.80
C GLY A 98 19.43 20.01 -28.36
N VAL A 99 19.49 19.83 -29.70
CA VAL A 99 19.23 18.51 -30.33
C VAL A 99 20.39 17.51 -30.38
N PRO A 100 21.50 17.84 -31.06
CA PRO A 100 22.64 16.91 -31.19
C PRO A 100 23.07 16.08 -29.96
N GLY A 101 23.09 16.71 -28.79
CA GLY A 101 23.55 16.03 -27.57
C GLY A 101 22.55 15.03 -27.01
N MET A 102 21.27 15.34 -27.18
CA MET A 102 20.18 14.45 -26.77
C MET A 102 20.19 13.20 -27.65
N VAL A 103 20.40 13.35 -28.98
CA VAL A 103 20.36 12.20 -29.88
C VAL A 103 21.62 11.35 -29.73
N GLY A 104 22.76 12.00 -29.54
CA GLY A 104 24.02 11.31 -29.34
C GLY A 104 23.99 10.56 -28.04
N GLY A 105 23.56 11.21 -26.98
CA GLY A 105 23.38 10.53 -25.70
C GLY A 105 22.39 9.39 -25.70
N MET A 106 21.24 9.59 -26.33
CA MET A 106 20.24 8.53 -26.48
C MET A 106 20.81 7.35 -27.29
N LEU A 107 21.48 7.61 -28.39
CA LEU A 107 22.09 6.55 -29.16
C LEU A 107 23.18 5.77 -28.37
N ARG A 108 24.03 6.46 -27.59
CA ARG A 108 25.04 5.75 -26.80
C ARG A 108 24.46 4.87 -25.68
N HIS A 109 23.29 5.32 -25.17
CA HIS A 109 22.44 4.62 -24.18
C HIS A 109 21.85 3.36 -24.77
N LEU A 110 21.34 3.48 -25.98
CA LEU A 110 20.75 2.33 -26.66
C LEU A 110 21.85 1.30 -26.96
N SER A 111 23.06 1.76 -27.27
CA SER A 111 24.17 0.82 -27.50
C SER A 111 24.50 0.10 -26.22
N SER A 112 24.84 0.85 -25.19
CA SER A 112 25.12 0.27 -23.90
C SER A 112 24.04 -0.75 -23.48
N LEU A 113 22.75 -0.46 -23.68
CA LEU A 113 21.73 -1.45 -23.32
C LEU A 113 21.80 -2.69 -24.19
N ARG A 114 21.79 -2.56 -25.53
CA ARG A 114 21.68 -3.76 -26.39
C ARG A 114 22.93 -4.63 -26.49
N TYR A 115 24.11 -4.03 -26.34
CA TYR A 115 25.33 -4.78 -26.28
C TYR A 115 25.80 -4.97 -24.83
N MET A 116 25.07 -4.43 -23.86
CA MET A 116 25.40 -4.66 -22.45
C MET A 116 26.83 -4.28 -22.07
N THR A 117 27.29 -3.12 -22.53
CA THR A 117 28.64 -2.66 -22.29
C THR A 117 28.71 -1.37 -21.50
N ARG A 118 29.81 -1.17 -20.79
CA ARG A 118 30.09 0.07 -20.08
C ARG A 118 30.21 1.20 -21.08
N ASP A 119 29.72 2.38 -20.71
CA ASP A 119 29.77 3.56 -21.57
C ASP A 119 30.92 4.44 -21.20
N LYS A 120 31.35 4.34 -19.95
CA LYS A 120 32.51 5.05 -19.43
C LYS A 120 32.41 6.57 -19.54
N GLY A 121 31.21 7.07 -19.21
CA GLY A 121 31.03 8.49 -18.96
C GLY A 121 30.61 9.40 -20.12
N TRP A 122 30.41 8.86 -21.30
CA TRP A 122 29.99 9.72 -22.41
C TRP A 122 28.53 10.25 -22.25
N ILE A 123 27.60 9.33 -21.98
CA ILE A 123 26.19 9.62 -22.08
C ILE A 123 25.85 10.90 -21.31
N ASN A 124 26.26 10.96 -20.05
CA ASN A 124 25.89 12.07 -19.21
C ASN A 124 26.60 13.34 -19.62
N THR A 125 27.78 13.26 -20.21
CA THR A 125 28.39 14.49 -20.71
C THR A 125 27.52 15.10 -21.81
N LEU A 126 26.97 14.25 -22.66
CA LEU A 126 26.24 14.70 -23.85
C LEU A 126 24.86 15.17 -23.52
N LEU A 127 24.25 14.44 -22.58
CA LEU A 127 22.99 14.84 -21.97
C LEU A 127 23.08 16.24 -21.31
N VAL A 128 24.14 16.56 -20.55
CA VAL A 128 24.09 17.87 -19.92
C VAL A 128 24.36 18.98 -20.92
N GLU A 129 25.19 18.74 -21.94
CA GLU A 129 25.33 19.61 -23.13
C GLU A 129 23.96 19.99 -23.66
N ALA A 130 23.08 18.99 -23.80
CA ALA A 130 21.75 19.22 -24.37
C ALA A 130 20.91 20.09 -23.48
N GLU A 131 20.98 19.79 -22.19
CA GLU A 131 20.35 20.59 -21.17
C GLU A 131 20.92 22.00 -21.15
N ASN A 132 22.23 22.13 -21.16
CA ASN A 132 22.87 23.40 -21.06
C ASN A 132 22.39 24.30 -22.15
N GLU A 133 22.30 23.80 -23.39
CA GLU A 133 21.83 24.60 -24.51
C GLU A 133 20.37 24.94 -24.33
N ARG A 134 19.58 23.99 -23.83
CA ARG A 134 18.16 24.26 -23.53
C ARG A 134 18.02 25.28 -22.44
N MET A 135 19.00 25.36 -21.53
CA MET A 135 19.06 26.44 -20.49
C MET A 135 19.42 27.81 -21.09
N HIS A 136 20.22 27.81 -22.15
CA HIS A 136 20.46 29.03 -22.92
C HIS A 136 19.15 29.53 -23.49
N LEU A 137 18.33 28.61 -23.98
CA LEU A 137 17.02 28.96 -24.56
C LEU A 137 16.03 29.49 -23.51
N MET A 138 15.90 28.80 -22.37
CA MET A 138 15.07 29.29 -21.28
C MET A 138 15.51 30.68 -20.81
N THR A 139 16.78 31.00 -20.96
CA THR A 139 17.30 32.29 -20.57
C THR A 139 16.93 33.37 -21.59
N PHE A 140 17.25 33.16 -22.87
CA PHE A 140 16.93 34.09 -23.95
C PHE A 140 15.44 34.27 -24.21
N ILE A 141 14.63 33.24 -23.98
CA ILE A 141 13.16 33.37 -24.08
C ILE A 141 12.65 34.49 -23.17
N GLU A 142 13.31 34.73 -22.05
CA GLU A 142 12.90 35.80 -21.13
C GLU A 142 13.31 37.19 -21.54
N LEU A 143 14.43 37.33 -22.22
CA LEU A 143 14.80 38.62 -22.80
C LEU A 143 13.86 39.01 -23.95
N ARG A 144 13.21 38.06 -24.63
CA ARG A 144 12.40 38.42 -25.78
C ARG A 144 11.54 37.31 -26.33
N GLN A 145 10.22 37.31 -26.10
CA GLN A 145 9.35 36.30 -26.77
C GLN A 145 9.37 36.58 -28.28
N PRO A 146 9.52 35.51 -29.08
CA PRO A 146 9.61 35.70 -30.53
C PRO A 146 8.24 35.93 -31.15
N GLY A 147 8.24 36.38 -32.40
CA GLY A 147 7.02 36.52 -33.20
C GLY A 147 6.45 35.18 -33.66
N LEU A 148 5.21 35.19 -34.10
CA LEU A 148 4.56 34.02 -34.66
C LEU A 148 5.30 33.39 -35.86
N PRO A 149 5.84 34.20 -36.79
CA PRO A 149 6.64 33.59 -37.89
C PRO A 149 7.88 32.82 -37.43
N LEU A 150 8.50 33.24 -36.32
CA LEU A 150 9.70 32.57 -35.79
C LEU A 150 9.34 31.26 -35.09
N ARG A 151 8.22 31.26 -34.35
CA ARG A 151 7.71 30.04 -33.71
C ARG A 151 7.48 28.99 -34.79
N VAL A 152 6.86 29.40 -35.90
CA VAL A 152 6.56 28.50 -36.99
C VAL A 152 7.83 27.99 -37.61
N SER A 153 8.79 28.88 -37.84
CA SER A 153 10.01 28.42 -38.49
C SER A 153 10.81 27.44 -37.58
N ILE A 154 10.77 27.66 -36.27
CA ILE A 154 11.40 26.77 -35.29
C ILE A 154 10.85 25.36 -35.30
N ILE A 155 9.53 25.24 -35.41
CA ILE A 155 8.85 23.95 -35.43
C ILE A 155 9.19 23.18 -36.71
N ILE A 156 9.16 23.84 -37.86
CA ILE A 156 9.53 23.12 -39.10
C ILE A 156 11.02 22.72 -39.04
N THR A 157 11.86 23.60 -38.48
CA THR A 157 13.29 23.36 -38.37
C THR A 157 13.64 22.17 -37.55
N GLN A 158 12.98 22.02 -36.40
CA GLN A 158 13.26 20.87 -35.56
C GLN A 158 12.97 19.57 -36.29
N ALA A 159 11.92 19.54 -37.10
CA ALA A 159 11.62 18.32 -37.86
C ALA A 159 12.77 17.95 -38.79
N ILE A 160 13.28 18.87 -39.60
CA ILE A 160 14.41 18.56 -40.49
C ILE A 160 15.66 18.19 -39.67
N MET A 161 16.00 19.00 -38.67
CA MET A 161 17.22 18.78 -37.93
C MET A 161 17.24 17.54 -37.09
N TYR A 162 16.12 17.22 -36.47
CA TYR A 162 16.08 16.01 -35.68
C TYR A 162 16.23 14.79 -36.59
N LEU A 163 15.51 14.77 -37.72
CA LEU A 163 15.68 13.71 -38.75
C LEU A 163 17.10 13.57 -39.27
N PHE A 164 17.68 14.70 -39.64
CA PHE A 164 19.04 14.75 -40.12
C PHE A 164 20.08 14.22 -39.11
N LEU A 165 19.99 14.64 -37.86
CA LEU A 165 20.96 14.25 -36.85
C LEU A 165 20.83 12.79 -36.47
N LEU A 166 19.60 12.32 -36.43
CA LEU A 166 19.36 10.92 -36.12
C LEU A 166 20.06 9.99 -37.13
N VAL A 167 19.88 10.26 -38.42
CA VAL A 167 20.51 9.40 -39.40
C VAL A 167 22.00 9.68 -39.46
N ALA A 168 22.41 10.93 -39.30
CA ALA A 168 23.82 11.22 -39.36
C ALA A 168 24.57 10.52 -38.21
N TYR A 169 24.05 10.62 -36.99
CA TYR A 169 24.71 9.98 -35.81
C TYR A 169 24.82 8.48 -35.97
N VAL A 170 23.77 7.87 -36.53
CA VAL A 170 23.79 6.44 -36.84
C VAL A 170 24.86 6.18 -37.92
N ILE A 171 24.81 6.86 -39.06
CA ILE A 171 25.83 6.66 -40.11
C ILE A 171 27.23 7.06 -39.60
N SER A 172 27.37 8.17 -38.87
CA SER A 172 28.69 8.73 -38.63
C SER A 172 28.67 9.64 -37.45
N PRO A 173 28.85 9.08 -36.26
CA PRO A 173 28.97 9.96 -35.12
C PRO A 173 30.21 10.88 -35.21
N ARG A 174 31.25 10.50 -35.93
CA ARG A 174 32.39 11.41 -36.14
C ARG A 174 31.95 12.68 -36.81
N PHE A 175 31.12 12.55 -37.83
CA PHE A 175 30.59 13.71 -38.56
C PHE A 175 29.73 14.66 -37.70
N VAL A 176 28.84 14.10 -36.89
CA VAL A 176 28.02 14.93 -36.02
C VAL A 176 28.86 15.61 -34.98
N HIS A 177 29.72 14.87 -34.27
CA HIS A 177 30.65 15.51 -33.32
C HIS A 177 31.51 16.60 -33.92
N ARG A 178 32.00 16.40 -35.15
CA ARG A 178 32.80 17.46 -35.83
C ARG A 178 31.95 18.68 -36.24
N PHE A 179 30.72 18.43 -36.67
CA PHE A 179 29.78 19.43 -37.18
C PHE A 179 29.41 20.30 -36.02
N VAL A 180 29.08 19.69 -34.89
CA VAL A 180 28.83 20.44 -33.66
C VAL A 180 30.07 21.22 -33.30
N GLY A 181 31.23 20.54 -33.25
CA GLY A 181 32.49 21.20 -33.00
C GLY A 181 32.61 22.51 -33.74
N TYR A 182 32.34 22.50 -35.03
CA TYR A 182 32.39 23.71 -35.87
C TYR A 182 31.24 24.69 -35.62
N LEU A 183 30.02 24.20 -35.32
CA LEU A 183 28.93 25.09 -34.87
C LEU A 183 29.42 25.93 -33.67
N GLU A 184 29.85 25.28 -32.58
CA GLU A 184 30.43 25.98 -31.41
C GLU A 184 31.61 26.96 -31.70
N GLU A 185 32.33 26.79 -32.79
CA GLU A 185 33.31 27.80 -33.19
C GLU A 185 32.61 29.07 -33.55
N GLU A 186 31.51 28.95 -34.30
CA GLU A 186 30.65 30.08 -34.63
C GLU A 186 29.95 30.63 -33.41
N ALA A 187 29.50 29.79 -32.48
CA ALA A 187 28.88 30.30 -31.27
C ALA A 187 29.84 31.22 -30.53
N VAL A 188 31.10 30.79 -30.43
CA VAL A 188 32.15 31.58 -29.78
C VAL A 188 32.51 32.85 -30.57
N ILE A 189 32.60 32.75 -31.89
CA ILE A 189 32.76 33.96 -32.73
C ILE A 189 31.62 34.96 -32.51
N THR A 190 30.41 34.50 -32.63
CA THR A 190 29.25 35.35 -32.44
C THR A 190 29.35 36.06 -31.09
N TYR A 191 29.37 35.33 -29.97
CA TYR A 191 29.25 35.93 -28.64
C TYR A 191 30.42 36.82 -28.22
N THR A 192 31.63 36.50 -28.69
CA THR A 192 32.78 37.39 -28.50
C THR A 192 32.46 38.70 -29.21
N GLY A 193 32.01 38.61 -30.47
CA GLY A 193 31.50 39.76 -31.21
C GLY A 193 30.43 40.59 -30.50
N VAL A 194 29.51 39.92 -29.81
CA VAL A 194 28.55 40.61 -28.99
C VAL A 194 29.19 41.31 -27.80
N MET A 195 30.01 40.59 -27.03
CA MET A 195 30.73 41.21 -25.90
C MET A 195 31.55 42.41 -26.35
N ARG A 196 32.10 42.35 -27.56
CA ARG A 196 32.88 43.43 -28.14
C ARG A 196 32.04 44.68 -28.34
N ALA A 197 30.91 44.54 -29.03
CA ALA A 197 29.95 45.62 -29.24
C ALA A 197 29.51 46.34 -27.96
N ILE A 198 29.22 45.58 -26.89
CA ILE A 198 28.93 46.19 -25.57
C ILE A 198 30.08 47.08 -25.06
N ASP A 199 31.30 46.61 -25.24
CA ASP A 199 32.46 47.30 -24.75
C ASP A 199 32.85 48.49 -25.61
N GLU A 200 32.61 48.40 -26.91
CA GLU A 200 32.86 49.50 -27.83
C GLU A 200 31.67 50.44 -27.96
N GLY A 201 30.61 50.25 -27.15
CA GLY A 201 29.44 51.13 -27.20
C GLY A 201 28.44 51.00 -28.37
N ARG A 202 28.75 50.22 -29.40
CA ARG A 202 27.84 49.99 -30.57
C ARG A 202 26.52 49.24 -30.24
N LEU A 203 26.39 48.70 -29.04
CA LEU A 203 25.20 47.98 -28.59
C LEU A 203 25.05 48.28 -27.14
N ARG A 204 24.03 49.09 -26.83
CA ARG A 204 23.73 49.53 -25.47
C ARG A 204 22.51 48.70 -25.07
N PRO A 205 22.70 47.69 -24.21
CA PRO A 205 21.61 46.75 -23.92
C PRO A 205 20.55 47.31 -22.98
N THR A 206 19.29 46.90 -23.15
CA THR A 206 18.23 47.33 -22.24
C THR A 206 18.04 46.34 -21.12
N LYS A 207 18.05 45.06 -21.46
CA LYS A 207 17.79 44.01 -20.51
C LYS A 207 19.02 43.77 -19.63
N ASN A 208 19.36 44.75 -18.79
CA ASN A 208 20.44 44.64 -17.79
C ASN A 208 19.83 44.24 -16.48
N ASP A 209 19.54 42.95 -16.44
CA ASP A 209 18.82 42.31 -15.39
C ASP A 209 18.89 40.87 -15.92
N VAL A 210 19.72 40.05 -15.28
CA VAL A 210 19.80 38.67 -15.65
C VAL A 210 18.59 37.89 -15.07
N PRO A 211 17.78 37.25 -15.94
CA PRO A 211 16.61 36.50 -15.49
C PRO A 211 16.89 35.57 -14.32
N GLU A 212 15.94 35.36 -13.45
CA GLU A 212 16.20 34.47 -12.35
C GLU A 212 16.70 33.03 -12.76
N VAL A 213 16.12 32.39 -13.80
CA VAL A 213 16.67 31.09 -14.33
C VAL A 213 18.17 31.13 -14.54
N ALA A 214 18.63 32.21 -15.16
CA ALA A 214 20.03 32.36 -15.53
C ALA A 214 20.89 32.58 -14.32
N ARG A 215 20.36 33.36 -13.36
CA ARG A 215 21.11 33.69 -12.16
C ARG A 215 21.38 32.46 -11.34
N VAL A 216 20.37 31.63 -11.12
CA VAL A 216 20.62 30.45 -10.26
C VAL A 216 21.33 29.30 -11.00
N TYR A 217 21.14 29.22 -12.32
CA TYR A 217 21.74 28.15 -13.12
C TYR A 217 23.22 28.36 -13.10
N TRP A 218 23.66 29.54 -13.54
CA TRP A 218 25.08 29.91 -13.55
C TRP A 218 25.64 30.44 -12.22
N ASN A 219 24.81 30.57 -11.19
CA ASN A 219 25.24 31.15 -9.90
C ASN A 219 25.93 32.55 -9.99
N LEU A 220 25.23 33.51 -10.56
CA LEU A 220 25.73 34.88 -10.71
C LEU A 220 25.12 35.75 -9.61
N SER A 221 25.80 36.85 -9.29
CA SER A 221 25.29 37.85 -8.33
C SER A 221 24.08 38.56 -8.91
N LYS A 222 23.29 39.21 -8.04
CA LYS A 222 22.12 39.99 -8.48
C LYS A 222 22.53 41.18 -9.36
N ASN A 223 23.73 41.72 -9.12
CA ASN A 223 24.27 42.83 -9.91
C ASN A 223 24.92 42.40 -11.25
N ALA A 224 24.76 41.14 -11.65
CA ALA A 224 25.39 40.70 -12.88
C ALA A 224 24.70 41.32 -14.09
N THR A 225 25.49 41.70 -15.10
CA THR A 225 25.01 42.34 -16.34
C THR A 225 24.79 41.41 -17.53
N PHE A 226 23.92 41.80 -18.44
CA PHE A 226 23.77 41.12 -19.75
C PHE A 226 25.09 40.68 -20.37
N ARG A 227 26.13 41.49 -20.23
CA ARG A 227 27.46 41.17 -20.73
C ARG A 227 28.07 40.00 -19.92
N ASP A 228 27.91 40.04 -18.59
CA ASP A 228 28.28 38.88 -17.76
C ASP A 228 27.56 37.60 -18.25
N LEU A 229 26.29 37.73 -18.65
CA LEU A 229 25.48 36.60 -19.09
C LEU A 229 26.06 36.04 -20.39
N ILE A 230 26.34 36.91 -21.33
CA ILE A 230 26.95 36.49 -22.57
C ILE A 230 28.27 35.82 -22.28
N ASN A 231 29.05 36.36 -21.35
CA ASN A 231 30.35 35.78 -21.00
C ASN A 231 30.26 34.32 -20.51
N VAL A 232 29.40 34.01 -19.53
CA VAL A 232 29.20 32.60 -19.16
C VAL A 232 28.64 31.74 -20.30
N ILE A 233 27.72 32.31 -21.05
CA ILE A 233 27.11 31.56 -22.12
C ILE A 233 28.20 31.17 -23.10
N ARG A 234 29.09 32.10 -23.37
CA ARG A 234 30.15 31.89 -24.39
C ARG A 234 31.20 30.86 -23.91
N ALA A 235 31.38 30.76 -22.60
CA ALA A 235 32.27 29.79 -22.00
C ALA A 235 31.66 28.39 -22.12
N ASP A 236 30.40 28.27 -21.77
CA ASP A 236 29.63 27.04 -22.05
C ASP A 236 29.84 26.59 -23.47
N GLU A 237 29.71 27.50 -24.42
CA GLU A 237 29.82 27.15 -25.83
C GLU A 237 31.22 26.67 -26.12
N ALA A 238 32.21 27.31 -25.52
CA ALA A 238 33.61 26.88 -25.69
C ALA A 238 33.93 25.47 -25.13
N GLU A 239 33.37 25.14 -23.97
CA GLU A 239 33.46 23.76 -23.46
C GLU A 239 33.05 22.76 -24.52
N HIS A 240 31.88 22.97 -25.08
CA HIS A 240 31.32 22.09 -26.09
C HIS A 240 32.11 22.06 -27.39
N ARG A 241 32.79 23.15 -27.70
CA ARG A 241 33.68 23.19 -28.83
C ARG A 241 34.80 22.14 -28.68
N VAL A 242 35.42 22.07 -27.50
CA VAL A 242 36.58 21.20 -27.32
C VAL A 242 36.11 19.80 -27.07
N VAL A 243 34.98 19.67 -26.40
CA VAL A 243 34.46 18.34 -26.10
C VAL A 243 34.11 17.60 -27.38
N ASN A 244 33.31 18.20 -28.25
CA ASN A 244 32.90 17.50 -29.46
C ASN A 244 34.02 17.38 -30.48
N HIS A 245 34.97 18.32 -30.49
CA HIS A 245 36.17 18.10 -31.30
C HIS A 245 37.02 16.96 -30.72
N THR A 246 37.04 16.85 -29.39
CA THR A 246 37.67 15.72 -28.75
C THR A 246 36.97 14.42 -29.15
N PHE A 247 35.71 14.29 -28.83
CA PHE A 247 34.88 13.15 -29.27
C PHE A 247 34.97 12.74 -30.78
N ALA A 248 35.02 13.73 -31.67
CA ALA A 248 35.21 13.48 -33.10
C ALA A 248 36.58 12.85 -33.40
N ASP A 249 37.64 13.43 -32.84
CA ASP A 249 39.01 12.84 -32.85
C ASP A 249 39.09 11.42 -32.28
N MET A 250 38.41 11.21 -31.15
CA MET A 250 38.34 9.91 -30.55
C MET A 250 37.76 8.91 -31.54
N HIS A 251 36.64 9.25 -32.17
CA HIS A 251 36.05 8.41 -33.19
C HIS A 251 37.03 8.13 -34.33
N GLU A 252 37.73 9.18 -34.78
CA GLU A 252 38.65 9.10 -35.91
C GLU A 252 39.75 8.09 -35.60
N LYS A 253 40.21 8.08 -34.36
CA LYS A 253 41.21 7.14 -33.86
C LYS A 253 40.62 5.82 -33.29
N ARG A 254 39.36 5.52 -33.57
CA ARG A 254 38.71 4.33 -33.00
C ARG A 254 38.81 4.18 -31.46
N LEU A 255 38.62 5.29 -30.77
CA LEU A 255 38.51 5.30 -29.31
C LEU A 255 37.06 5.54 -28.80
N GLN A 256 36.05 5.40 -29.68
CA GLN A 256 34.61 5.46 -29.29
C GLN A 256 34.22 4.77 -28.00
N ASN A 257 34.95 3.71 -27.63
CA ASN A 257 34.69 2.96 -26.40
C ASN A 257 35.73 3.07 -25.30
N SER A 258 36.59 4.08 -25.40
CA SER A 258 37.47 4.42 -24.34
C SER A 258 36.66 5.23 -23.34
N VAL A 259 37.24 5.47 -22.16
CA VAL A 259 36.67 6.38 -21.15
C VAL A 259 36.69 7.79 -21.72
N ASN A 260 35.60 8.49 -21.44
CA ASN A 260 35.40 9.91 -21.75
C ASN A 260 36.40 10.72 -20.93
N PRO A 261 37.40 11.30 -21.57
CA PRO A 261 38.44 11.97 -20.78
C PRO A 261 37.94 13.04 -19.82
N PHE A 262 36.77 13.64 -20.07
CA PHE A 262 36.32 14.79 -19.28
C PHE A 262 35.70 14.39 -17.94
N VAL A 263 35.49 13.10 -17.70
CA VAL A 263 35.10 12.62 -16.37
C VAL A 263 36.16 12.91 -15.32
N VAL A 264 37.44 12.85 -15.70
CA VAL A 264 38.55 13.25 -14.82
C VAL A 264 38.62 14.76 -14.76
N LEU A 265 38.98 15.40 -15.89
CA LEU A 265 39.04 16.88 -16.03
C LEU A 265 37.76 17.71 -15.48
N LYS A 266 36.79 16.99 -14.89
CA LYS A 266 35.73 17.48 -13.98
C LYS A 266 36.25 18.45 -12.94
N PRO B 2 40.11 27.96 -12.16
CA PRO B 2 41.40 27.27 -11.97
C PRO B 2 41.49 25.82 -12.52
N VAL B 3 40.73 24.87 -11.94
CA VAL B 3 40.75 23.44 -12.36
C VAL B 3 40.38 23.26 -13.85
N TRP B 4 39.19 23.80 -14.21
CA TRP B 4 38.65 23.87 -15.58
C TRP B 4 38.37 25.34 -16.03
N GLY B 5 39.26 25.90 -16.83
CA GLY B 5 39.28 27.34 -17.14
C GLY B 5 39.71 27.64 -18.57
N HIS B 6 40.08 28.88 -18.84
CA HIS B 6 40.10 29.37 -20.20
C HIS B 6 41.21 28.75 -21.03
N THR B 7 42.36 28.45 -20.41
CA THR B 7 43.47 27.76 -21.12
C THR B 7 43.04 26.38 -21.62
N GLN B 8 42.21 25.67 -20.84
CA GLN B 8 41.68 24.35 -21.25
C GLN B 8 40.56 24.54 -22.25
N LEU B 9 39.63 25.45 -21.96
CA LEU B 9 38.62 25.84 -22.93
C LEU B 9 39.18 26.25 -24.29
N ASN B 10 40.40 26.81 -24.34
CA ASN B 10 40.99 27.23 -25.63
C ASN B 10 41.87 26.16 -26.34
N ARG B 11 41.83 24.92 -25.84
CA ARG B 11 42.53 23.83 -26.51
C ARG B 11 41.67 23.16 -27.57
N LEU B 12 42.27 22.87 -28.72
CA LEU B 12 41.59 22.21 -29.83
C LEU B 12 41.00 20.85 -29.46
N SER B 13 41.81 19.99 -28.84
CA SER B 13 41.35 18.64 -28.50
C SER B 13 42.07 18.09 -27.30
N PHE B 14 41.43 17.20 -26.54
CA PHE B 14 42.12 16.48 -25.45
C PHE B 14 42.33 14.95 -25.75
N LEU B 15 42.42 14.62 -27.04
CA LEU B 15 42.67 13.25 -27.53
C LEU B 15 43.96 12.65 -26.96
N GLU B 16 44.99 13.49 -26.83
CA GLU B 16 46.28 13.07 -26.25
C GLU B 16 46.16 12.58 -24.82
N THR B 17 45.18 13.04 -24.06
CA THR B 17 45.07 12.64 -22.64
C THR B 17 44.31 11.33 -22.40
N VAL B 18 43.66 10.74 -23.39
CA VAL B 18 42.82 9.58 -23.06
C VAL B 18 43.62 8.44 -22.41
N PRO B 19 44.85 8.11 -22.91
CA PRO B 19 45.69 7.05 -22.30
C PRO B 19 46.01 7.17 -20.80
N VAL B 20 46.09 8.41 -20.27
CA VAL B 20 46.49 8.61 -18.90
C VAL B 20 45.34 8.85 -17.94
N VAL B 21 44.09 8.68 -18.37
CA VAL B 21 42.94 8.86 -17.47
C VAL B 21 42.37 7.49 -17.10
N PRO B 22 42.16 7.23 -15.81
CA PRO B 22 41.82 5.89 -15.35
C PRO B 22 40.37 5.56 -15.53
N LEU B 23 40.08 4.26 -15.49
CA LEU B 23 38.73 3.76 -15.59
C LEU B 23 38.26 3.67 -14.16
N ARG B 24 37.35 4.58 -13.81
CA ARG B 24 36.63 4.49 -12.55
C ARG B 24 35.14 4.16 -12.73
N VAL B 25 34.72 3.39 -11.76
CA VAL B 25 33.40 2.85 -11.71
C VAL B 25 32.39 3.94 -11.28
N SER B 26 32.90 5.01 -10.64
CA SER B 26 32.09 6.21 -10.31
C SER B 26 31.63 6.92 -11.56
N ASP B 27 32.48 7.01 -12.58
CA ASP B 27 32.16 7.74 -13.80
C ASP B 27 31.14 7.05 -14.73
N GLU B 28 30.75 5.84 -14.43
CA GLU B 28 29.82 5.13 -15.26
C GLU B 28 28.37 5.70 -15.23
N SER B 29 27.97 6.29 -14.08
CA SER B 29 26.68 6.96 -13.93
C SER B 29 26.88 8.46 -13.81
N SER B 30 25.83 9.18 -13.52
CA SER B 30 25.93 10.56 -13.12
C SER B 30 26.13 10.52 -11.63
N GLU B 31 26.25 11.69 -11.03
CA GLU B 31 26.33 11.76 -9.58
C GLU B 31 24.98 11.74 -8.84
N ASP B 32 23.86 11.60 -9.56
CA ASP B 32 22.52 11.46 -8.99
C ASP B 32 22.25 10.02 -8.64
N ARG B 33 22.92 9.56 -7.59
CA ARG B 33 22.79 8.18 -7.15
C ARG B 33 21.69 8.02 -6.14
N PRO B 34 21.06 6.82 -6.11
CA PRO B 34 20.13 6.53 -5.04
C PRO B 34 20.86 6.36 -3.74
N THR B 35 20.17 6.61 -2.64
CA THR B 35 20.75 6.49 -1.31
C THR B 35 19.72 5.95 -0.38
N TRP B 36 19.60 4.64 -0.34
CA TRP B 36 18.63 3.98 0.48
C TRP B 36 19.27 3.47 1.76
N SER B 37 18.45 3.29 2.80
CA SER B 37 18.86 2.71 4.06
C SER B 37 18.20 1.33 4.16
N LEU B 38 19.02 0.30 4.23
CA LEU B 38 18.53 -1.06 4.02
C LEU B 38 17.38 -1.53 4.95
N PRO B 39 17.49 -1.33 6.27
CA PRO B 39 16.38 -1.79 7.12
C PRO B 39 15.07 -1.05 6.90
N ASP B 40 15.13 0.20 6.41
CA ASP B 40 13.92 0.91 5.88
C ASP B 40 13.29 0.25 4.64
N ILE B 41 14.08 0.16 3.55
CA ILE B 41 13.58 -0.35 2.28
C ILE B 41 13.26 -1.81 2.32
N GLU B 42 13.78 -2.55 3.29
CA GLU B 42 13.24 -3.88 3.67
C GLU B 42 11.73 -4.02 3.58
N ASN B 43 10.99 -2.97 4.01
CA ASN B 43 9.51 -2.96 3.98
C ASN B 43 8.82 -2.42 2.74
N VAL B 44 9.53 -2.33 1.61
CA VAL B 44 8.87 -2.06 0.33
C VAL B 44 7.91 -3.21 0.07
N ALA B 45 6.73 -2.85 -0.44
CA ALA B 45 5.62 -3.78 -0.62
C ALA B 45 5.02 -3.79 -2.05
N ILE B 46 4.36 -4.89 -2.38
CA ILE B 46 3.69 -5.07 -3.66
C ILE B 46 2.35 -4.31 -3.69
N THR B 47 2.18 -3.36 -4.62
CA THR B 47 0.96 -2.54 -4.77
C THR B 47 0.36 -2.72 -6.15
N HIS B 48 -0.86 -2.24 -6.33
CA HIS B 48 -1.54 -2.36 -7.60
C HIS B 48 -2.53 -1.26 -7.77
N LYS B 49 -2.43 -0.55 -8.89
CA LYS B 49 -3.22 0.65 -9.11
C LYS B 49 -4.39 0.36 -10.05
N LYS B 50 -5.60 0.59 -9.57
CA LYS B 50 -6.79 0.36 -10.37
C LYS B 50 -6.67 1.17 -11.64
N PRO B 51 -6.96 0.57 -12.80
CA PRO B 51 -6.95 1.33 -14.03
C PRO B 51 -8.24 2.11 -14.17
N ASN B 52 -8.19 3.34 -14.66
CA ASN B 52 -9.44 4.06 -15.04
C ASN B 52 -10.03 3.54 -16.36
N GLY B 53 -9.61 4.15 -17.45
CA GLY B 53 -10.28 3.95 -18.70
C GLY B 53 -9.67 2.89 -19.58
N LEU B 54 -10.02 3.03 -20.86
CA LEU B 54 -9.52 2.16 -21.89
C LEU B 54 -8.01 2.16 -21.91
N VAL B 55 -7.40 3.34 -21.78
CA VAL B 55 -5.96 3.48 -21.88
C VAL B 55 -5.24 2.67 -20.81
N ASP B 56 -5.72 2.80 -19.56
CA ASP B 56 -5.10 2.14 -18.42
C ASP B 56 -5.32 0.65 -18.52
N THR B 57 -6.54 0.24 -18.87
CA THR B 57 -6.81 -1.17 -19.17
C THR B 57 -5.91 -1.73 -20.30
N LEU B 58 -5.78 -0.98 -21.39
CA LEU B 58 -4.92 -1.37 -22.51
C LEU B 58 -3.47 -1.52 -22.05
N ALA B 59 -3.01 -0.56 -21.24
CA ALA B 59 -1.67 -0.62 -20.70
C ALA B 59 -1.55 -1.84 -19.81
N TYR B 60 -2.54 -2.05 -18.94
CA TYR B 60 -2.46 -3.16 -18.00
C TYR B 60 -2.49 -4.52 -18.76
N ARG B 61 -3.43 -4.69 -19.68
CA ARG B 61 -3.51 -5.94 -20.43
C ARG B 61 -2.27 -6.21 -21.26
N SER B 62 -1.67 -5.16 -21.79
CA SER B 62 -0.50 -5.37 -22.61
C SER B 62 0.72 -5.68 -21.74
N VAL B 63 0.82 -5.07 -20.56
CA VAL B 63 1.85 -5.54 -19.60
C VAL B 63 1.63 -7.00 -19.26
N ARG B 64 0.39 -7.37 -18.94
CA ARG B 64 0.09 -8.74 -18.56
C ARG B 64 0.30 -9.78 -19.67
N THR B 65 -0.07 -9.44 -20.90
CA THR B 65 0.23 -10.30 -22.04
C THR B 65 1.74 -10.45 -22.25
N CYS B 66 2.52 -9.39 -22.10
CA CYS B 66 3.99 -9.51 -22.15
C CYS B 66 4.64 -10.31 -21.03
N ARG B 67 4.10 -10.28 -19.82
CA ARG B 67 4.68 -11.11 -18.75
C ARG B 67 4.51 -12.54 -19.20
N TRP B 68 3.30 -12.87 -19.64
CA TRP B 68 2.95 -14.25 -19.95
C TRP B 68 3.80 -14.83 -21.07
N LEU B 69 3.77 -14.20 -22.24
CA LEU B 69 4.69 -14.48 -23.35
C LEU B 69 6.10 -14.70 -22.86
N PHE B 70 6.63 -13.70 -22.14
CA PHE B 70 8.00 -13.74 -21.69
C PHE B 70 8.25 -14.82 -20.65
N ASP B 71 7.28 -15.08 -19.77
CA ASP B 71 7.37 -16.24 -18.87
C ASP B 71 7.53 -17.54 -19.62
N THR B 72 6.70 -17.73 -20.63
CA THR B 72 6.59 -19.03 -21.28
C THR B 72 7.71 -19.23 -22.29
N PHE B 73 8.08 -18.23 -23.04
CA PHE B 73 9.24 -18.44 -23.93
C PHE B 73 10.58 -18.57 -23.21
N SER B 74 10.70 -17.98 -22.02
CA SER B 74 11.91 -18.14 -21.21
C SER B 74 11.87 -19.38 -20.29
N LEU B 75 10.96 -20.33 -20.53
CA LEU B 75 10.91 -21.60 -19.78
C LEU B 75 10.98 -21.43 -18.26
N TYR B 76 10.65 -20.23 -17.78
CA TYR B 76 11.06 -19.80 -16.45
C TYR B 76 10.06 -20.38 -15.46
N ARG B 77 8.78 -20.19 -15.75
CA ARG B 77 7.66 -20.70 -14.93
C ARG B 77 7.79 -22.15 -14.38
N PHE B 78 8.56 -23.04 -15.02
CA PHE B 78 8.79 -24.40 -14.49
C PHE B 78 10.23 -24.89 -14.74
N GLY B 79 10.75 -25.59 -13.73
CA GLY B 79 12.18 -25.74 -13.46
C GLY B 79 12.33 -25.27 -12.02
N SER B 80 13.53 -25.29 -11.48
CA SER B 80 13.72 -24.67 -10.17
C SER B 80 14.18 -23.24 -10.34
N ILE B 81 13.63 -22.35 -9.53
CA ILE B 81 14.15 -20.99 -9.32
C ILE B 81 15.65 -21.04 -8.92
N THR B 82 16.52 -21.14 -9.94
CA THR B 82 17.96 -21.08 -9.75
C THR B 82 18.43 -19.65 -9.88
N GLU B 83 19.65 -19.41 -9.43
CA GLU B 83 20.30 -18.11 -9.59
C GLU B 83 20.53 -17.77 -11.08
N SER B 84 20.72 -18.78 -11.91
CA SER B 84 20.91 -18.57 -13.34
C SER B 84 19.68 -18.09 -14.08
N LYS B 85 18.49 -18.58 -13.76
CA LYS B 85 17.27 -18.01 -14.40
C LYS B 85 16.81 -16.64 -13.85
N VAL B 86 17.24 -16.27 -12.64
CA VAL B 86 16.95 -14.93 -12.09
C VAL B 86 17.82 -13.87 -12.77
N ILE B 87 19.14 -14.00 -12.64
CA ILE B 87 20.06 -13.07 -13.30
C ILE B 87 19.69 -12.98 -14.77
N SER B 88 19.58 -14.11 -15.44
CA SER B 88 19.36 -14.07 -16.88
C SER B 88 18.01 -13.45 -17.27
N ARG B 89 16.96 -13.57 -16.45
CA ARG B 89 15.67 -12.91 -16.76
C ARG B 89 15.78 -11.38 -16.65
N CYS B 90 16.26 -10.90 -15.51
CA CYS B 90 16.42 -9.45 -15.22
C CYS B 90 17.33 -8.82 -16.24
N LEU B 91 18.43 -9.50 -16.53
CA LEU B 91 19.36 -9.09 -17.57
C LEU B 91 18.59 -8.65 -18.80
N PHE B 92 17.79 -9.56 -19.37
CA PHE B 92 16.97 -9.25 -20.56
C PHE B 92 15.98 -8.12 -20.27
N LEU B 93 15.26 -8.22 -19.16
CA LEU B 93 14.30 -7.19 -18.78
C LEU B 93 14.83 -5.73 -18.62
N GLU B 94 16.07 -5.58 -18.19
CA GLU B 94 16.59 -4.24 -17.92
C GLU B 94 17.17 -3.60 -19.21
N THR B 95 17.47 -4.42 -20.21
CA THR B 95 17.77 -3.88 -21.55
C THR B 95 16.57 -3.10 -22.10
N VAL B 96 15.38 -3.58 -21.80
CA VAL B 96 14.16 -2.95 -22.26
C VAL B 96 13.77 -1.81 -21.31
N ALA B 97 14.02 -1.98 -20.01
CA ALA B 97 13.61 -0.99 -18.98
C ALA B 97 14.34 0.33 -19.04
N GLY B 98 15.54 0.31 -19.63
CA GLY B 98 16.32 1.51 -19.91
C GLY B 98 15.78 2.39 -21.02
N VAL B 99 14.78 1.92 -21.77
CA VAL B 99 14.24 2.64 -22.95
C VAL B 99 13.15 3.67 -22.68
N PRO B 100 11.99 3.27 -22.13
CA PRO B 100 10.92 4.32 -21.92
C PRO B 100 11.37 5.67 -21.27
N GLY B 101 12.27 5.61 -20.29
CA GLY B 101 12.75 6.84 -19.65
C GLY B 101 13.40 7.81 -20.63
N MET B 102 14.22 7.24 -21.50
CA MET B 102 14.99 8.01 -22.48
C MET B 102 14.11 8.53 -23.67
N VAL B 103 13.07 7.78 -24.09
CA VAL B 103 12.21 8.31 -25.16
C VAL B 103 11.38 9.46 -24.60
N GLY B 104 10.82 9.29 -23.41
CA GLY B 104 10.01 10.35 -22.79
C GLY B 104 10.81 11.60 -22.50
N GLY B 105 11.97 11.42 -21.87
CA GLY B 105 12.88 12.52 -21.62
C GLY B 105 13.23 13.33 -22.84
N MET B 106 13.70 12.66 -23.89
CA MET B 106 13.99 13.30 -25.19
C MET B 106 12.81 14.09 -25.77
N LEU B 107 11.67 13.44 -25.78
CA LEU B 107 10.52 14.04 -26.33
C LEU B 107 10.11 15.25 -25.47
N ARG B 108 10.08 15.15 -24.15
CA ARG B 108 9.81 16.36 -23.35
C ARG B 108 10.84 17.47 -23.67
N HIS B 109 12.11 17.07 -23.84
CA HIS B 109 13.22 17.95 -24.22
C HIS B 109 12.92 18.63 -25.52
N LEU B 110 12.43 17.86 -26.49
CA LEU B 110 12.23 18.40 -27.82
C LEU B 110 11.08 19.41 -27.87
N SER B 111 10.01 19.22 -27.09
CA SER B 111 8.95 20.25 -27.01
C SER B 111 9.37 21.44 -26.20
N SER B 112 10.05 21.22 -25.09
CA SER B 112 10.65 22.36 -24.42
C SER B 112 11.38 23.29 -25.39
N LEU B 113 12.22 22.72 -26.24
CA LEU B 113 12.92 23.52 -27.25
C LEU B 113 12.01 24.14 -28.30
N ARG B 114 11.12 23.41 -28.96
CA ARG B 114 10.35 23.99 -30.07
C ARG B 114 9.16 24.88 -29.70
N TYR B 115 8.56 24.69 -28.55
CA TYR B 115 7.59 25.65 -28.08
C TYR B 115 8.19 26.64 -27.08
N MET B 116 9.49 26.53 -26.80
CA MET B 116 10.15 27.48 -25.92
C MET B 116 9.52 27.64 -24.52
N THR B 117 9.18 26.50 -23.90
CA THR B 117 8.50 26.47 -22.62
C THR B 117 9.30 25.73 -21.56
N ARG B 118 9.07 26.06 -20.30
CA ARG B 118 9.68 25.39 -19.15
C ARG B 118 9.18 23.97 -18.99
N ASP B 119 10.08 23.06 -18.65
CA ASP B 119 9.72 21.66 -18.42
C ASP B 119 9.41 21.37 -16.97
N LYS B 120 10.02 22.13 -16.07
CA LYS B 120 9.67 22.08 -14.64
C LYS B 120 9.95 20.74 -14.00
N GLY B 121 11.12 20.19 -14.37
CA GLY B 121 11.70 19.08 -13.66
C GLY B 121 11.44 17.67 -14.18
N TRP B 122 10.62 17.52 -15.21
CA TRP B 122 10.31 16.17 -15.69
C TRP B 122 11.52 15.45 -16.36
N ILE B 123 12.16 16.16 -17.27
CA ILE B 123 13.18 15.54 -18.12
C ILE B 123 14.21 14.78 -17.27
N ASN B 124 14.77 15.44 -16.25
CA ASN B 124 15.86 14.83 -15.55
C ASN B 124 15.35 13.68 -14.70
N THR B 125 14.10 13.71 -14.28
CA THR B 125 13.63 12.57 -13.53
C THR B 125 13.60 11.34 -14.44
N LEU B 126 13.21 11.55 -15.69
CA LEU B 126 13.04 10.45 -16.64
C LEU B 126 14.35 9.97 -17.18
N LEU B 127 15.25 10.92 -17.41
CA LEU B 127 16.62 10.58 -17.75
C LEU B 127 17.29 9.77 -16.62
N VAL B 128 17.11 10.08 -15.32
CA VAL B 128 17.79 9.22 -14.31
C VAL B 128 17.17 7.86 -14.11
N GLU B 129 15.83 7.75 -14.22
CA GLU B 129 15.12 6.43 -14.32
C GLU B 129 15.91 5.59 -15.32
N ALA B 130 16.14 6.17 -16.50
CA ALA B 130 16.74 5.42 -17.63
C ALA B 130 18.15 4.98 -17.35
N GLU B 131 18.94 5.85 -16.74
CA GLU B 131 20.26 5.49 -16.26
C GLU B 131 20.21 4.47 -15.12
N ASN B 132 19.26 4.62 -14.20
CA ASN B 132 19.20 3.75 -13.06
C ASN B 132 18.98 2.34 -13.53
N GLU B 133 18.07 2.15 -14.49
CA GLU B 133 17.80 0.82 -15.05
C GLU B 133 19.02 0.30 -15.78
N ARG B 134 19.75 1.16 -16.49
CA ARG B 134 20.95 0.73 -17.18
C ARG B 134 22.05 0.39 -16.21
N MET B 135 22.04 1.00 -15.01
CA MET B 135 22.97 0.61 -13.92
C MET B 135 22.67 -0.78 -13.32
N HIS B 136 21.39 -1.13 -13.33
CA HIS B 136 20.95 -2.48 -13.00
C HIS B 136 21.53 -3.48 -13.97
N LEU B 137 21.55 -3.11 -15.24
CA LEU B 137 22.14 -3.93 -16.29
C LEU B 137 23.63 -4.09 -16.11
N MET B 138 24.34 -2.97 -15.89
CA MET B 138 25.76 -2.98 -15.64
C MET B 138 26.11 -3.90 -14.47
N THR B 139 25.21 -4.03 -13.52
CA THR B 139 25.42 -4.87 -12.37
C THR B 139 25.18 -6.34 -12.64
N PHE B 140 24.03 -6.70 -13.21
CA PHE B 140 23.77 -8.11 -13.59
C PHE B 140 24.75 -8.71 -14.60
N ILE B 141 25.07 -7.97 -15.63
CA ILE B 141 26.20 -8.29 -16.52
C ILE B 141 27.40 -8.88 -15.79
N GLU B 142 27.80 -8.24 -14.68
CA GLU B 142 28.87 -8.76 -13.82
C GLU B 142 28.59 -10.13 -13.17
N LEU B 143 27.38 -10.31 -12.66
CA LEU B 143 26.99 -11.55 -12.03
C LEU B 143 26.94 -12.69 -13.04
N ARG B 144 26.55 -12.43 -14.30
CA ARG B 144 26.47 -13.51 -15.29
C ARG B 144 26.42 -13.05 -16.75
N GLN B 145 27.51 -13.14 -17.50
CA GLN B 145 27.48 -12.76 -18.94
C GLN B 145 26.57 -13.75 -19.67
N PRO B 146 25.76 -13.27 -20.62
CA PRO B 146 24.79 -14.16 -21.26
C PRO B 146 25.32 -14.76 -22.56
N GLY B 147 24.56 -15.70 -23.15
CA GLY B 147 24.96 -16.36 -24.42
C GLY B 147 24.56 -15.62 -25.68
N LEU B 148 24.93 -16.18 -26.84
CA LEU B 148 24.55 -15.60 -28.12
C LEU B 148 23.04 -15.56 -28.37
N PRO B 149 22.29 -16.63 -28.02
CA PRO B 149 20.85 -16.49 -28.14
C PRO B 149 20.25 -15.22 -27.50
N LEU B 150 20.61 -14.96 -26.24
CA LEU B 150 20.08 -13.78 -25.51
C LEU B 150 20.52 -12.49 -26.15
N ARG B 151 21.84 -12.39 -26.40
N ARG B 151 21.82 -12.38 -26.43
CA ARG B 151 22.43 -11.25 -27.12
CA ARG B 151 22.38 -11.21 -27.10
C ARG B 151 21.64 -10.91 -28.38
C ARG B 151 21.60 -10.90 -28.38
N VAL B 152 21.23 -11.92 -29.13
CA VAL B 152 20.41 -11.73 -30.34
C VAL B 152 19.02 -11.24 -29.98
N SER B 153 18.29 -11.91 -29.09
CA SER B 153 16.92 -11.42 -28.72
C SER B 153 16.95 -10.00 -28.23
N ILE B 154 17.97 -9.66 -27.42
CA ILE B 154 18.14 -8.31 -26.87
C ILE B 154 18.15 -7.25 -27.95
N ILE B 155 18.91 -7.54 -29.02
CA ILE B 155 19.11 -6.64 -30.14
C ILE B 155 17.82 -6.49 -30.95
N ILE B 156 17.18 -7.59 -31.33
CA ILE B 156 15.89 -7.44 -32.05
C ILE B 156 14.82 -6.76 -31.15
N THR B 157 14.78 -7.11 -29.87
CA THR B 157 13.82 -6.53 -28.92
C THR B 157 13.90 -5.01 -28.82
N GLN B 158 15.11 -4.45 -28.75
CA GLN B 158 15.27 -3.01 -28.81
C GLN B 158 14.60 -2.38 -30.00
N ALA B 159 14.76 -2.97 -31.17
CA ALA B 159 14.20 -2.37 -32.36
C ALA B 159 12.70 -2.33 -32.22
N ILE B 160 12.07 -3.42 -31.83
CA ILE B 160 10.63 -3.42 -31.66
C ILE B 160 10.18 -2.44 -30.55
N MET B 161 10.86 -2.45 -29.41
CA MET B 161 10.46 -1.62 -28.29
C MET B 161 10.74 -0.17 -28.50
N TYR B 162 11.89 0.15 -29.05
CA TYR B 162 12.19 1.54 -29.30
C TYR B 162 11.13 2.15 -30.22
N LEU B 163 10.81 1.44 -31.29
CA LEU B 163 9.90 1.93 -32.28
C LEU B 163 8.51 2.07 -31.70
N PHE B 164 8.04 1.04 -30.98
CA PHE B 164 6.75 1.07 -30.29
C PHE B 164 6.63 2.24 -29.29
N LEU B 165 7.63 2.39 -28.44
CA LEU B 165 7.57 3.39 -27.37
C LEU B 165 7.59 4.80 -27.91
N LEU B 166 8.41 5.01 -28.92
CA LEU B 166 8.44 6.29 -29.61
C LEU B 166 7.07 6.73 -30.15
N VAL B 167 6.36 5.84 -30.87
CA VAL B 167 5.07 6.25 -31.41
C VAL B 167 4.05 6.29 -30.29
N ALA B 168 4.13 5.33 -29.38
CA ALA B 168 3.26 5.37 -28.22
C ALA B 168 3.36 6.70 -27.49
N TYR B 169 4.60 7.17 -27.25
CA TYR B 169 4.82 8.41 -26.44
C TYR B 169 4.22 9.64 -27.11
N VAL B 170 4.35 9.72 -28.42
CA VAL B 170 3.78 10.80 -29.21
C VAL B 170 2.26 10.72 -29.16
N ILE B 171 1.69 9.61 -29.60
CA ILE B 171 0.24 9.41 -29.62
C ILE B 171 -0.33 9.55 -28.18
N SER B 172 0.38 9.08 -27.15
CA SER B 172 -0.21 8.97 -25.82
C SER B 172 0.80 8.75 -24.74
N PRO B 173 1.44 9.84 -24.29
CA PRO B 173 2.29 9.68 -23.11
C PRO B 173 1.54 9.07 -21.90
N ARG B 174 0.24 9.30 -21.79
CA ARG B 174 -0.53 8.69 -20.72
C ARG B 174 -0.42 7.19 -20.71
N PHE B 175 -0.52 6.59 -21.89
CA PHE B 175 -0.44 5.16 -22.05
C PHE B 175 0.93 4.61 -21.65
N VAL B 176 2.00 5.28 -22.08
CA VAL B 176 3.36 4.84 -21.78
C VAL B 176 3.70 4.99 -20.29
N HIS B 177 3.41 6.13 -19.67
CA HIS B 177 3.59 6.25 -18.20
C HIS B 177 2.79 5.23 -17.39
N ARG B 178 1.59 4.88 -17.84
CA ARG B 178 0.78 3.88 -17.17
C ARG B 178 1.40 2.49 -17.36
N PHE B 179 1.82 2.21 -18.59
CA PHE B 179 2.39 0.92 -19.02
C PHE B 179 3.61 0.67 -18.19
N VAL B 180 4.50 1.65 -18.07
CA VAL B 180 5.66 1.52 -17.19
C VAL B 180 5.23 1.29 -15.74
N GLY B 181 4.40 2.19 -15.20
CA GLY B 181 3.79 2.01 -13.87
C GLY B 181 3.53 0.56 -13.54
N TYR B 182 2.80 -0.14 -14.41
CA TYR B 182 2.42 -1.56 -14.25
C TYR B 182 3.58 -2.54 -14.46
N LEU B 183 4.54 -2.18 -15.32
CA LEU B 183 5.80 -2.96 -15.41
C LEU B 183 6.48 -3.01 -14.04
N GLU B 184 6.60 -1.87 -13.38
CA GLU B 184 7.29 -1.78 -12.12
C GLU B 184 6.54 -2.49 -10.99
N GLU B 185 5.23 -2.62 -11.10
CA GLU B 185 4.49 -3.44 -10.16
C GLU B 185 4.99 -4.88 -10.25
N GLU B 186 5.07 -5.41 -11.48
CA GLU B 186 5.67 -6.74 -11.76
C GLU B 186 7.14 -6.85 -11.32
N ALA B 187 7.96 -5.83 -11.56
CA ALA B 187 9.38 -5.87 -11.14
C ALA B 187 9.51 -5.99 -9.64
N VAL B 188 8.73 -5.22 -8.89
CA VAL B 188 8.68 -5.37 -7.43
C VAL B 188 8.14 -6.77 -7.01
N ILE B 189 7.10 -7.28 -7.63
CA ILE B 189 6.68 -8.65 -7.33
C ILE B 189 7.84 -9.67 -7.50
N THR B 190 8.51 -9.63 -8.64
CA THR B 190 9.66 -10.50 -8.92
C THR B 190 10.72 -10.44 -7.81
N TYR B 191 11.18 -9.23 -7.48
CA TYR B 191 12.29 -9.08 -6.55
C TYR B 191 11.95 -9.40 -5.13
N THR B 192 10.72 -9.15 -4.69
CA THR B 192 10.36 -9.53 -3.31
C THR B 192 10.30 -11.07 -3.26
N GLY B 193 9.85 -11.71 -4.33
CA GLY B 193 9.90 -13.18 -4.50
C GLY B 193 11.30 -13.76 -4.33
N VAL B 194 12.27 -13.14 -4.98
CA VAL B 194 13.65 -13.54 -4.89
C VAL B 194 14.18 -13.36 -3.48
N MET B 195 13.87 -12.24 -2.83
CA MET B 195 14.31 -12.03 -1.45
C MET B 195 13.64 -13.01 -0.50
N ARG B 196 12.39 -13.37 -0.78
CA ARG B 196 11.69 -14.39 0.00
C ARG B 196 12.40 -15.73 -0.15
N ALA B 197 12.83 -16.05 -1.35
CA ALA B 197 13.51 -17.32 -1.62
C ALA B 197 14.90 -17.41 -0.96
N ILE B 198 15.68 -16.35 -0.99
CA ILE B 198 16.90 -16.30 -0.17
C ILE B 198 16.60 -16.60 1.29
N ASP B 199 15.56 -16.00 1.84
CA ASP B 199 15.21 -16.12 3.26
C ASP B 199 14.71 -17.51 3.63
N GLU B 200 13.82 -18.07 2.83
CA GLU B 200 13.35 -19.44 3.04
C GLU B 200 14.35 -20.51 2.62
N GLY B 201 15.59 -20.15 2.28
CA GLY B 201 16.58 -21.14 1.85
C GLY B 201 16.39 -21.86 0.50
N ARG B 202 15.33 -21.56 -0.28
CA ARG B 202 15.10 -22.12 -1.66
C ARG B 202 16.07 -21.59 -2.75
N LEU B 203 16.92 -20.64 -2.40
CA LEU B 203 17.96 -20.12 -3.28
C LEU B 203 19.10 -19.61 -2.40
N ARG B 204 20.27 -20.24 -2.53
CA ARG B 204 21.50 -19.76 -1.87
C ARG B 204 22.40 -19.39 -3.02
N PRO B 205 22.82 -18.12 -3.09
CA PRO B 205 23.60 -17.64 -4.24
C PRO B 205 25.12 -17.79 -4.06
N THR B 206 25.85 -18.15 -5.14
CA THR B 206 27.31 -18.14 -5.04
C THR B 206 27.85 -16.73 -5.18
N LYS B 207 27.12 -15.90 -5.92
CA LYS B 207 27.57 -14.56 -6.29
C LYS B 207 27.30 -13.60 -5.14
N ASN B 208 27.79 -13.98 -3.95
CA ASN B 208 27.45 -13.30 -2.70
C ASN B 208 28.43 -12.16 -2.34
N ASP B 209 29.30 -11.82 -3.30
CA ASP B 209 29.85 -10.48 -3.44
C ASP B 209 28.81 -9.51 -3.98
N VAL B 210 29.21 -8.24 -4.04
CA VAL B 210 28.51 -7.24 -4.82
C VAL B 210 29.54 -6.54 -5.70
N PRO B 211 29.37 -6.58 -7.04
CA PRO B 211 30.37 -5.96 -7.90
C PRO B 211 30.63 -4.50 -7.62
N GLU B 212 31.88 -4.09 -7.75
CA GLU B 212 32.25 -2.71 -7.58
C GLU B 212 31.29 -1.64 -8.15
N VAL B 213 30.78 -1.80 -9.39
CA VAL B 213 29.81 -0.81 -9.91
C VAL B 213 28.59 -0.65 -9.04
N ALA B 214 28.08 -1.77 -8.52
CA ALA B 214 26.96 -1.74 -7.59
C ALA B 214 27.38 -1.14 -6.29
N ARG B 215 28.60 -1.44 -5.88
CA ARG B 215 29.02 -0.99 -4.59
C ARG B 215 29.12 0.53 -4.52
N VAL B 216 29.77 1.18 -5.48
CA VAL B 216 29.85 2.66 -5.41
C VAL B 216 28.45 3.35 -5.67
N TYR B 217 27.73 2.85 -6.65
CA TYR B 217 26.53 3.48 -7.16
C TYR B 217 25.53 3.53 -6.07
N TRP B 218 25.29 2.42 -5.41
CA TRP B 218 24.31 2.35 -4.34
C TRP B 218 24.91 2.64 -2.97
N ASN B 219 26.22 2.92 -2.92
CA ASN B 219 26.96 3.13 -1.66
C ASN B 219 26.77 2.02 -0.60
N LEU B 220 27.00 0.78 -1.02
CA LEU B 220 27.00 -0.37 -0.14
C LEU B 220 28.42 -0.62 0.38
N SER B 221 28.48 -1.36 1.49
CA SER B 221 29.74 -1.77 2.13
C SER B 221 30.19 -3.11 1.60
N LYS B 222 31.49 -3.25 1.36
CA LYS B 222 32.12 -4.56 1.09
C LYS B 222 31.43 -5.80 1.69
N ASN B 223 30.87 -5.69 2.89
CA ASN B 223 30.10 -6.78 3.53
C ASN B 223 28.68 -7.06 2.99
N ALA B 224 28.22 -6.31 2.01
CA ALA B 224 26.84 -6.41 1.55
C ALA B 224 26.59 -7.72 0.80
N THR B 225 25.51 -8.42 1.17
CA THR B 225 25.11 -9.67 0.52
C THR B 225 24.40 -9.44 -0.81
N PHE B 226 24.22 -10.51 -1.56
CA PHE B 226 23.42 -10.50 -2.81
C PHE B 226 22.03 -9.98 -2.48
N ARG B 227 21.41 -10.54 -1.44
CA ARG B 227 20.11 -10.09 -0.96
C ARG B 227 20.04 -8.54 -0.75
N ASP B 228 21.14 -7.95 -0.26
CA ASP B 228 21.22 -6.50 -0.10
C ASP B 228 21.12 -5.82 -1.48
N LEU B 229 21.77 -6.41 -2.49
CA LEU B 229 21.75 -5.88 -3.85
C LEU B 229 20.34 -5.89 -4.39
N ILE B 230 19.64 -6.98 -4.18
CA ILE B 230 18.28 -7.10 -4.60
C ILE B 230 17.41 -6.07 -3.91
N ASN B 231 17.69 -5.81 -2.64
CA ASN B 231 16.84 -4.94 -1.84
C ASN B 231 16.84 -3.50 -2.32
N VAL B 232 18.03 -2.97 -2.57
CA VAL B 232 18.16 -1.64 -3.19
C VAL B 232 17.55 -1.57 -4.60
N ILE B 233 17.75 -2.62 -5.38
CA ILE B 233 17.24 -2.65 -6.73
C ILE B 233 15.71 -2.58 -6.70
N ARG B 234 15.11 -3.36 -5.82
CA ARG B 234 13.64 -3.41 -5.72
C ARG B 234 13.09 -2.04 -5.24
N ALA B 235 13.87 -1.34 -4.41
CA ALA B 235 13.49 -0.05 -3.94
C ALA B 235 13.49 0.91 -5.11
N ASP B 236 14.59 0.92 -5.87
CA ASP B 236 14.66 1.68 -7.12
C ASP B 236 13.42 1.44 -7.98
N GLU B 237 13.05 0.18 -8.15
CA GLU B 237 11.91 -0.20 -8.98
C GLU B 237 10.63 0.34 -8.41
N ALA B 238 10.46 0.26 -7.10
CA ALA B 238 9.26 0.82 -6.46
C ALA B 238 9.17 2.35 -6.60
N GLU B 239 10.31 3.03 -6.55
CA GLU B 239 10.29 4.45 -6.89
C GLU B 239 9.69 4.67 -8.28
N HIS B 240 10.24 4.01 -9.28
CA HIS B 240 9.75 4.19 -10.64
C HIS B 240 8.27 3.82 -10.78
N ARG B 241 7.83 2.84 -10.02
CA ARG B 241 6.43 2.49 -9.94
C ARG B 241 5.53 3.71 -9.60
N VAL B 242 5.86 4.46 -8.54
CA VAL B 242 5.02 5.57 -8.09
C VAL B 242 5.19 6.76 -8.99
N VAL B 243 6.42 7.00 -9.43
CA VAL B 243 6.72 8.18 -10.26
C VAL B 243 5.95 8.16 -11.58
N ASN B 244 6.00 7.05 -12.30
CA ASN B 244 5.27 6.89 -13.57
C ASN B 244 3.76 6.75 -13.41
N HIS B 245 3.28 6.11 -12.33
CA HIS B 245 1.82 6.16 -12.02
C HIS B 245 1.37 7.56 -11.69
N THR B 246 2.23 8.31 -11.03
CA THR B 246 1.99 9.72 -10.84
C THR B 246 1.92 10.43 -12.19
N PHE B 247 3.01 10.43 -12.94
CA PHE B 247 3.04 11.05 -14.30
C PHE B 247 1.86 10.71 -15.25
N ALA B 248 1.37 9.47 -15.17
CA ALA B 248 0.21 9.06 -15.97
C ALA B 248 -1.05 9.74 -15.44
N ASP B 249 -1.27 9.68 -14.12
CA ASP B 249 -2.35 10.48 -13.44
C ASP B 249 -2.32 12.00 -13.83
N MET B 250 -1.14 12.60 -13.83
CA MET B 250 -0.99 13.98 -14.23
C MET B 250 -1.46 14.19 -15.67
N HIS B 251 -1.13 13.28 -16.56
CA HIS B 251 -1.58 13.37 -17.95
C HIS B 251 -3.14 13.29 -18.07
N GLU B 252 -3.70 12.29 -17.40
CA GLU B 252 -5.14 12.03 -17.33
C GLU B 252 -5.89 13.25 -16.85
N LYS B 253 -5.29 14.04 -15.96
CA LYS B 253 -5.88 15.29 -15.44
C LYS B 253 -5.37 16.56 -16.11
N ARG B 254 -4.91 16.47 -17.35
CA ARG B 254 -4.35 17.63 -18.04
C ARG B 254 -3.27 18.48 -17.26
N LEU B 255 -2.42 17.82 -16.49
CA LEU B 255 -1.30 18.48 -15.81
C LEU B 255 0.09 18.14 -16.42
N GLN B 256 0.13 17.66 -17.67
CA GLN B 256 1.42 17.43 -18.36
C GLN B 256 2.35 18.60 -18.38
N ASN B 257 1.84 19.82 -18.24
CA ASN B 257 2.71 21.00 -18.14
C ASN B 257 2.88 21.61 -16.76
N SER B 258 2.52 20.87 -15.71
CA SER B 258 2.75 21.31 -14.33
C SER B 258 4.15 20.95 -13.87
N VAL B 259 4.51 21.45 -12.69
CA VAL B 259 5.70 21.06 -11.97
C VAL B 259 5.63 19.58 -11.58
N ASN B 260 6.74 18.88 -11.84
CA ASN B 260 7.01 17.51 -11.47
C ASN B 260 7.09 17.42 -9.95
N PRO B 261 6.11 16.79 -9.29
CA PRO B 261 6.10 16.84 -7.81
C PRO B 261 7.35 16.32 -7.15
N PHE B 262 8.08 15.39 -7.80
CA PHE B 262 9.18 14.66 -7.14
C PHE B 262 10.44 15.50 -7.06
N VAL B 263 10.50 16.63 -7.74
CA VAL B 263 11.59 17.56 -7.54
C VAL B 263 11.65 18.06 -6.10
N VAL B 264 10.49 18.27 -5.49
CA VAL B 264 10.39 18.68 -4.08
C VAL B 264 10.84 17.54 -3.21
N LEU B 265 10.12 16.41 -3.27
CA LEU B 265 10.42 15.16 -2.48
C LEU B 265 11.92 14.58 -2.68
N LYS B 266 12.87 15.44 -3.09
CA LYS B 266 14.28 15.43 -2.62
C LYS B 266 14.60 16.79 -1.94
N LYS B 267 13.93 17.01 -0.81
CA LYS B 267 14.26 18.06 0.18
C LYS B 267 13.97 17.49 1.58
N ASN B 268 14.78 17.88 2.57
CA ASN B 268 14.50 17.60 3.98
C ASN B 268 13.76 18.79 4.64
N PRO B 269 12.42 18.66 4.89
CA PRO B 269 11.64 19.82 5.37
C PRO B 269 11.74 20.05 6.88
N THR C 1 -42.15 7.84 26.87
CA THR C 1 -41.41 7.91 25.57
C THR C 1 -40.40 6.74 25.45
N PRO C 2 -40.91 5.50 25.25
CA PRO C 2 -40.03 4.31 25.15
C PRO C 2 -39.86 3.79 23.71
N VAL C 3 -38.73 3.16 23.44
CA VAL C 3 -38.58 2.23 22.30
C VAL C 3 -38.72 0.80 22.87
N TRP C 4 -37.78 0.51 23.77
CA TRP C 4 -37.56 -0.79 24.34
C TRP C 4 -37.41 -0.57 25.85
N GLY C 5 -38.49 -0.73 26.62
CA GLY C 5 -38.49 -0.50 28.06
C GLY C 5 -39.37 -1.49 28.82
N HIS C 6 -39.77 -1.13 30.05
CA HIS C 6 -40.45 -2.07 30.96
C HIS C 6 -41.66 -2.74 30.34
N THR C 7 -42.42 -1.98 29.54
CA THR C 7 -43.60 -2.49 28.84
C THR C 7 -43.24 -3.77 28.05
N GLN C 8 -42.13 -3.69 27.32
CA GLN C 8 -41.64 -4.82 26.51
C GLN C 8 -40.96 -5.86 27.41
N LEU C 9 -40.17 -5.40 28.38
CA LEU C 9 -39.39 -6.29 29.23
C LEU C 9 -40.24 -7.19 30.10
N ASN C 10 -41.46 -6.76 30.42
CA ASN C 10 -42.38 -7.55 31.25
C ASN C 10 -43.18 -8.56 30.45
N ARG C 11 -43.06 -8.54 29.14
CA ARG C 11 -43.78 -9.53 28.35
C ARG C 11 -43.27 -10.96 28.63
N LEU C 12 -44.11 -11.96 28.39
CA LEU C 12 -43.71 -13.34 28.69
C LEU C 12 -42.91 -13.90 27.56
N SER C 13 -43.33 -13.56 26.34
CA SER C 13 -42.80 -14.12 25.14
C SER C 13 -43.14 -13.22 23.98
N PHE C 14 -42.30 -13.25 22.95
CA PHE C 14 -42.60 -12.53 21.72
C PHE C 14 -42.92 -13.41 20.51
N LEU C 15 -42.90 -14.73 20.69
CA LEU C 15 -43.34 -15.74 19.71
C LEU C 15 -44.42 -15.18 18.84
N GLU C 16 -45.45 -14.65 19.47
CA GLU C 16 -46.62 -14.14 18.78
C GLU C 16 -46.28 -13.21 17.61
N THR C 17 -45.20 -12.42 17.71
CA THR C 17 -44.88 -11.39 16.71
C THR C 17 -43.97 -11.83 15.54
N VAL C 18 -43.46 -13.06 15.52
CA VAL C 18 -42.54 -13.51 14.45
C VAL C 18 -43.06 -13.48 13.00
N PRO C 19 -44.37 -13.75 12.75
CA PRO C 19 -44.88 -13.69 11.35
C PRO C 19 -44.94 -12.27 10.71
N VAL C 20 -44.90 -11.23 11.54
CA VAL C 20 -45.00 -9.84 11.07
C VAL C 20 -43.67 -9.03 11.13
N VAL C 21 -42.55 -9.66 11.50
CA VAL C 21 -41.27 -8.92 11.51
C VAL C 21 -40.49 -9.29 10.24
N PRO C 22 -40.19 -8.30 9.36
CA PRO C 22 -39.57 -8.60 8.04
C PRO C 22 -38.16 -9.16 8.11
N LEU C 23 -37.82 -10.03 7.14
CA LEU C 23 -36.40 -10.41 6.92
C LEU C 23 -35.73 -9.20 6.27
N ARG C 24 -34.85 -8.54 7.01
CA ARG C 24 -34.05 -7.46 6.44
C ARG C 24 -32.61 -7.95 6.37
N VAL C 25 -31.93 -7.48 5.35
CA VAL C 25 -30.58 -7.96 5.10
C VAL C 25 -29.58 -7.35 6.12
N SER C 26 -29.95 -6.17 6.66
CA SER C 26 -29.17 -5.45 7.67
C SER C 26 -28.98 -6.19 8.97
N ASP C 27 -29.88 -7.13 9.27
CA ASP C 27 -29.91 -7.79 10.56
C ASP C 27 -29.05 -9.02 10.67
N GLU C 28 -28.47 -9.43 9.55
CA GLU C 28 -27.56 -10.56 9.50
C GLU C 28 -26.24 -10.30 10.26
N SER C 29 -25.86 -9.03 10.42
CA SER C 29 -24.65 -8.67 11.17
C SER C 29 -25.05 -7.91 12.42
N SER C 30 -24.14 -7.88 13.38
CA SER C 30 -24.13 -6.84 14.39
C SER C 30 -23.95 -5.51 13.69
N GLU C 31 -24.10 -4.44 14.46
CA GLU C 31 -23.99 -3.09 13.95
C GLU C 31 -22.53 -2.63 13.79
N ASP C 32 -21.55 -3.49 14.11
CA ASP C 32 -20.15 -3.14 14.00
C ASP C 32 -19.55 -3.41 12.59
N ARG C 33 -20.01 -2.70 11.57
CA ARG C 33 -19.64 -2.90 10.17
C ARG C 33 -18.42 -2.14 9.77
N PRO C 34 -17.62 -2.67 8.82
CA PRO C 34 -16.50 -1.86 8.34
C PRO C 34 -16.96 -0.71 7.45
N THR C 35 -16.18 0.34 7.44
CA THR C 35 -16.56 1.57 6.80
C THR C 35 -15.35 2.09 6.04
N TRP C 36 -15.02 1.41 4.96
CA TRP C 36 -13.83 1.72 4.19
C TRP C 36 -14.06 2.86 3.22
N SER C 37 -13.03 3.66 2.97
CA SER C 37 -13.01 4.61 1.86
C SER C 37 -12.39 3.97 0.61
N LEU C 38 -13.22 3.70 -0.39
CA LEU C 38 -12.82 2.90 -1.55
C LEU C 38 -11.54 3.36 -2.21
N PRO C 39 -11.40 4.67 -2.51
CA PRO C 39 -10.11 5.18 -3.04
C PRO C 39 -8.88 4.93 -2.14
N ASP C 40 -9.06 4.92 -0.83
CA ASP C 40 -7.97 4.75 0.11
C ASP C 40 -7.51 3.30 0.16
N ILE C 41 -8.45 2.36 0.20
CA ILE C 41 -8.13 0.93 0.41
C ILE C 41 -7.66 0.23 -0.86
N GLU C 42 -7.81 0.88 -2.01
CA GLU C 42 -7.11 0.46 -3.20
C GLU C 42 -5.58 0.44 -2.96
N ASN C 43 -5.07 1.35 -2.13
CA ASN C 43 -3.64 1.38 -1.79
C ASN C 43 -3.19 0.29 -0.79
N VAL C 44 -4.11 -0.56 -0.34
CA VAL C 44 -3.76 -1.73 0.48
C VAL C 44 -2.77 -2.61 -0.27
N ALA C 45 -1.71 -3.01 0.43
CA ALA C 45 -0.56 -3.70 -0.16
C ALA C 45 -0.36 -5.12 0.35
N ILE C 46 0.59 -5.81 -0.27
CA ILE C 46 0.95 -7.16 0.14
C ILE C 46 2.19 -7.06 1.01
N THR C 47 2.07 -7.60 2.25
CA THR C 47 3.12 -7.53 3.24
C THR C 47 3.59 -8.92 3.69
N HIS C 48 4.80 -8.92 4.23
CA HIS C 48 5.34 -10.09 4.89
C HIS C 48 6.04 -9.70 6.18
N LYS C 49 5.71 -10.43 7.24
CA LYS C 49 6.36 -10.32 8.53
C LYS C 49 7.38 -11.49 8.65
N LYS C 50 8.65 -11.14 8.52
CA LYS C 50 9.77 -12.09 8.65
C LYS C 50 9.57 -12.84 10.02
N PRO C 51 9.46 -14.22 10.03
CA PRO C 51 9.34 -15.02 11.28
C PRO C 51 10.54 -14.93 12.24
N ASN C 52 10.32 -15.18 13.53
CA ASN C 52 11.42 -15.30 14.52
C ASN C 52 11.45 -16.54 15.44
N GLY C 53 10.41 -16.74 16.24
CA GLY C 53 10.35 -17.96 17.04
C GLY C 53 10.59 -19.21 16.19
N LEU C 54 11.04 -20.29 16.84
CA LEU C 54 10.76 -21.61 16.31
C LEU C 54 9.24 -21.67 16.01
N VAL C 55 8.44 -21.24 16.98
CA VAL C 55 6.97 -21.23 16.86
C VAL C 55 6.46 -20.40 15.68
N ASP C 56 7.03 -19.21 15.45
CA ASP C 56 6.66 -18.41 14.28
C ASP C 56 6.88 -19.19 12.98
N THR C 57 8.02 -19.87 12.90
CA THR C 57 8.34 -20.75 11.79
C THR C 57 7.42 -21.94 11.70
N LEU C 58 7.13 -22.55 12.84
CA LEU C 58 6.17 -23.64 12.92
C LEU C 58 4.78 -23.21 12.41
N ALA C 59 4.40 -21.95 12.65
CA ALA C 59 3.16 -21.38 12.12
C ALA C 59 3.26 -21.17 10.63
N TYR C 60 4.33 -20.51 10.18
CA TYR C 60 4.53 -20.27 8.75
C TYR C 60 4.51 -21.59 7.93
N ARG C 61 5.20 -22.61 8.44
CA ARG C 61 5.26 -23.93 7.78
C ARG C 61 3.85 -24.55 7.74
N SER C 62 3.11 -24.40 8.83
CA SER C 62 1.75 -24.92 8.95
C SER C 62 0.79 -24.35 7.90
N VAL C 63 0.97 -23.06 7.59
CA VAL C 63 0.13 -22.38 6.59
C VAL C 63 0.56 -22.83 5.20
N ARG C 64 1.87 -22.85 4.94
CA ARG C 64 2.41 -23.36 3.66
C ARG C 64 1.97 -24.80 3.40
N THR C 65 1.85 -25.61 4.45
CA THR C 65 1.27 -26.96 4.38
C THR C 65 -0.20 -26.94 3.96
N CYS C 66 -1.01 -26.15 4.63
CA CYS C 66 -2.46 -26.14 4.40
C CYS C 66 -2.88 -25.49 3.11
N ARG C 67 -2.00 -24.76 2.42
CA ARG C 67 -2.27 -24.38 1.03
C ARG C 67 -2.02 -25.65 0.26
N TRP C 68 -0.78 -26.11 0.29
CA TRP C 68 -0.35 -27.34 -0.41
C TRP C 68 -1.27 -28.57 -0.18
N LEU C 69 -1.93 -28.64 0.98
CA LEU C 69 -2.89 -29.73 1.32
C LEU C 69 -4.21 -29.61 0.57
N PHE C 70 -4.70 -28.40 0.36
CA PHE C 70 -5.93 -28.19 -0.40
C PHE C 70 -5.70 -27.65 -1.83
N ASP C 71 -4.48 -27.17 -2.13
CA ASP C 71 -4.18 -26.51 -3.42
C ASP C 71 -3.93 -27.54 -4.50
N THR C 72 -2.91 -28.38 -4.33
CA THR C 72 -2.64 -29.48 -5.26
C THR C 72 -3.58 -30.70 -5.01
N PHE C 73 -4.41 -30.64 -3.96
CA PHE C 73 -5.59 -31.50 -3.89
C PHE C 73 -6.63 -31.04 -4.93
N SER C 74 -7.28 -29.90 -4.67
CA SER C 74 -8.51 -29.51 -5.40
C SER C 74 -8.36 -29.18 -6.90
N LEU C 75 -7.12 -29.05 -7.40
CA LEU C 75 -6.81 -28.70 -8.79
C LEU C 75 -7.06 -27.22 -9.11
N TYR C 76 -6.29 -26.36 -8.44
CA TYR C 76 -6.14 -24.93 -8.81
C TYR C 76 -4.88 -24.72 -9.70
N ARG C 77 -3.94 -25.68 -9.70
CA ARG C 77 -2.74 -25.66 -10.59
C ARG C 77 -2.91 -26.48 -11.89
N PHE C 78 -3.70 -27.57 -11.87
CA PHE C 78 -3.97 -28.39 -13.10
C PHE C 78 -5.47 -28.52 -13.44
N GLY C 79 -5.82 -28.02 -14.62
CA GLY C 79 -7.19 -27.70 -15.02
C GLY C 79 -7.22 -26.21 -15.29
N SER C 80 -8.02 -25.78 -16.26
CA SER C 80 -8.22 -24.34 -16.49
C SER C 80 -8.86 -23.71 -15.25
N ILE C 81 -8.25 -22.65 -14.70
CA ILE C 81 -8.75 -22.05 -13.45
C ILE C 81 -9.99 -21.18 -13.75
N THR C 82 -11.18 -21.78 -13.75
CA THR C 82 -12.41 -21.04 -14.12
C THR C 82 -12.86 -20.11 -13.02
N GLU C 83 -13.84 -19.27 -13.35
CA GLU C 83 -14.55 -18.43 -12.39
C GLU C 83 -15.05 -19.26 -11.21
N SER C 84 -15.86 -20.26 -11.51
CA SER C 84 -16.49 -21.12 -10.50
C SER C 84 -15.55 -21.89 -9.57
N LYS C 85 -14.34 -22.20 -10.01
CA LYS C 85 -13.34 -22.84 -9.11
C LYS C 85 -12.86 -21.88 -8.01
N VAL C 86 -12.49 -20.64 -8.40
CA VAL C 86 -12.03 -19.60 -7.47
C VAL C 86 -13.15 -19.09 -6.53
N ILE C 87 -14.36 -18.96 -7.05
CA ILE C 87 -15.52 -18.67 -6.20
C ILE C 87 -15.65 -19.79 -5.15
N SER C 88 -15.56 -21.02 -5.62
CA SER C 88 -15.74 -22.18 -4.80
C SER C 88 -14.60 -22.38 -3.86
N ARG C 89 -13.42 -21.98 -4.28
CA ARG C 89 -12.26 -21.93 -3.39
C ARG C 89 -12.53 -21.06 -2.16
N CYS C 90 -13.11 -19.89 -2.39
CA CYS C 90 -13.19 -18.88 -1.38
C CYS C 90 -14.31 -19.16 -0.40
N LEU C 91 -15.40 -19.73 -0.91
CA LEU C 91 -16.44 -20.35 -0.11
C LEU C 91 -15.80 -21.27 0.93
N PHE C 92 -14.92 -22.16 0.50
CA PHE C 92 -14.27 -23.07 1.44
C PHE C 92 -13.49 -22.31 2.53
N LEU C 93 -12.58 -21.42 2.12
CA LEU C 93 -11.75 -20.68 3.09
C LEU C 93 -12.54 -19.86 4.15
N GLU C 94 -13.66 -19.26 3.77
CA GLU C 94 -14.43 -18.46 4.72
C GLU C 94 -15.12 -19.33 5.78
N THR C 95 -15.51 -20.55 5.42
CA THR C 95 -16.01 -21.50 6.43
C THR C 95 -14.97 -21.75 7.55
N VAL C 96 -13.70 -21.85 7.19
CA VAL C 96 -12.66 -22.07 8.20
C VAL C 96 -12.27 -20.77 8.93
N ALA C 97 -12.30 -19.63 8.23
CA ALA C 97 -11.77 -18.38 8.81
C ALA C 97 -12.68 -17.80 9.91
N GLY C 98 -13.96 -18.19 9.86
CA GLY C 98 -14.93 -17.87 10.92
C GLY C 98 -14.70 -18.56 12.26
N VAL C 99 -13.74 -19.48 12.32
CA VAL C 99 -13.46 -20.29 13.51
C VAL C 99 -12.40 -19.68 14.50
N PRO C 100 -11.22 -19.24 14.03
CA PRO C 100 -10.16 -18.81 14.98
C PRO C 100 -10.55 -17.74 16.01
N GLY C 101 -11.25 -16.69 15.56
CA GLY C 101 -11.65 -15.60 16.45
C GLY C 101 -12.77 -15.99 17.40
N MET C 102 -13.65 -16.86 16.94
CA MET C 102 -14.67 -17.41 17.81
C MET C 102 -14.04 -18.19 18.99
N VAL C 103 -13.00 -19.02 18.76
CA VAL C 103 -12.34 -19.72 19.88
C VAL C 103 -11.50 -18.77 20.71
N GLY C 104 -10.67 -17.96 20.07
CA GLY C 104 -9.85 -17.05 20.84
C GLY C 104 -10.67 -16.04 21.59
N GLY C 105 -11.82 -15.66 21.04
CA GLY C 105 -12.74 -14.80 21.74
C GLY C 105 -13.35 -15.52 22.92
N MET C 106 -13.99 -16.64 22.63
CA MET C 106 -14.62 -17.45 23.67
C MET C 106 -13.69 -17.85 24.83
N LEU C 107 -12.43 -18.18 24.54
CA LEU C 107 -11.49 -18.59 25.60
C LEU C 107 -11.05 -17.45 26.49
N ARG C 108 -10.77 -16.30 25.90
CA ARG C 108 -10.45 -15.10 26.68
C ARG C 108 -11.64 -14.63 27.51
N HIS C 109 -12.84 -14.92 27.01
CA HIS C 109 -14.07 -14.62 27.68
C HIS C 109 -14.16 -15.49 28.95
N LEU C 110 -14.19 -16.81 28.75
CA LEU C 110 -14.05 -17.80 29.83
C LEU C 110 -12.94 -17.50 30.89
N SER C 111 -11.81 -16.94 30.47
CA SER C 111 -10.73 -16.62 31.41
C SER C 111 -11.11 -15.47 32.29
N SER C 112 -11.78 -14.49 31.70
CA SER C 112 -12.23 -13.31 32.42
C SER C 112 -13.28 -13.68 33.48
N LEU C 113 -14.08 -14.69 33.17
CA LEU C 113 -15.08 -15.17 34.09
C LEU C 113 -14.46 -15.94 35.27
N ARG C 114 -13.56 -16.90 35.02
CA ARG C 114 -13.00 -17.70 36.12
C ARG C 114 -12.01 -16.94 37.02
N TYR C 115 -11.18 -16.08 36.44
CA TYR C 115 -10.27 -15.25 37.23
C TYR C 115 -10.86 -13.88 37.58
N MET C 116 -12.11 -13.63 37.21
CA MET C 116 -12.74 -12.34 37.48
C MET C 116 -11.79 -11.14 37.26
N THR C 117 -11.25 -11.08 36.04
CA THR C 117 -10.32 -10.02 35.63
C THR C 117 -10.73 -9.41 34.32
N ARG C 118 -10.20 -8.22 34.09
CA ARG C 118 -10.49 -7.48 32.88
C ARG C 118 -9.94 -8.19 31.66
N ASP C 119 -10.59 -7.96 30.53
CA ASP C 119 -10.06 -8.39 29.26
C ASP C 119 -9.48 -7.27 28.43
N LYS C 120 -9.86 -6.03 28.69
CA LYS C 120 -9.30 -4.84 28.06
C LYS C 120 -9.41 -4.77 26.53
N GLY C 121 -10.47 -5.33 25.97
CA GLY C 121 -10.84 -5.06 24.58
C GLY C 121 -10.58 -6.14 23.53
N TRP C 122 -10.01 -7.28 23.93
CA TRP C 122 -9.63 -8.33 22.96
C TRP C 122 -10.87 -9.09 22.47
N ILE C 123 -11.67 -9.56 23.41
CA ILE C 123 -12.74 -10.45 23.10
C ILE C 123 -13.53 -9.94 21.91
N ASN C 124 -13.93 -8.68 21.97
CA ASN C 124 -14.81 -8.14 20.93
C ASN C 124 -14.10 -8.05 19.57
N THR C 125 -12.81 -7.69 19.56
CA THR C 125 -12.01 -7.66 18.32
C THR C 125 -12.09 -9.02 17.65
N LEU C 126 -12.02 -10.09 18.43
CA LEU C 126 -11.97 -11.45 17.89
C LEU C 126 -13.35 -11.98 17.51
N LEU C 127 -14.40 -11.53 18.17
CA LEU C 127 -15.75 -11.94 17.75
C LEU C 127 -16.26 -11.25 16.46
N VAL C 128 -15.89 -9.99 16.24
CA VAL C 128 -16.27 -9.33 14.99
C VAL C 128 -15.36 -9.77 13.84
N GLU C 129 -14.09 -10.12 14.13
CA GLU C 129 -13.26 -10.81 13.15
C GLU C 129 -14.05 -12.01 12.62
N ALA C 130 -14.48 -12.91 13.51
CA ALA C 130 -15.28 -14.07 13.09
C ALA C 130 -16.55 -13.71 12.37
N GLU C 131 -17.24 -12.68 12.86
CA GLU C 131 -18.49 -12.25 12.23
C GLU C 131 -18.21 -11.85 10.80
N ASN C 132 -17.11 -11.13 10.62
CA ASN C 132 -16.74 -10.51 9.36
C ASN C 132 -16.37 -11.53 8.28
N GLU C 133 -15.65 -12.57 8.72
CA GLU C 133 -15.33 -13.67 7.85
C GLU C 133 -16.58 -14.42 7.46
N ARG C 134 -17.50 -14.59 8.40
CA ARG C 134 -18.79 -15.22 8.11
C ARG C 134 -19.62 -14.36 7.19
N MET C 135 -19.49 -13.05 7.30
CA MET C 135 -20.19 -12.14 6.38
C MET C 135 -19.58 -12.20 4.98
N HIS C 136 -18.28 -12.44 4.87
CA HIS C 136 -17.69 -12.80 3.57
C HIS C 136 -18.43 -14.03 3.03
N LEU C 137 -18.43 -15.12 3.80
CA LEU C 137 -19.11 -16.36 3.42
C LEU C 137 -20.57 -16.14 3.00
N MET C 138 -21.28 -15.28 3.71
CA MET C 138 -22.68 -15.05 3.39
C MET C 138 -22.79 -14.38 2.03
N THR C 139 -21.81 -13.55 1.68
CA THR C 139 -21.76 -12.90 0.37
C THR C 139 -21.44 -13.89 -0.76
N PHE C 140 -20.43 -14.72 -0.58
CA PHE C 140 -20.04 -15.67 -1.63
C PHE C 140 -21.09 -16.73 -1.96
N ILE C 141 -21.62 -17.39 -0.94
CA ILE C 141 -22.75 -18.32 -1.10
C ILE C 141 -23.90 -17.78 -2.04
N GLU C 142 -24.06 -16.48 -2.14
CA GLU C 142 -25.01 -15.92 -3.10
C GLU C 142 -24.60 -15.98 -4.60
N LEU C 143 -23.31 -16.13 -4.85
CA LEU C 143 -22.76 -16.12 -6.20
C LEU C 143 -22.83 -17.51 -6.86
N ARG C 144 -22.58 -18.54 -6.06
CA ARG C 144 -22.49 -19.92 -6.51
C ARG C 144 -23.28 -20.78 -5.53
N GLN C 145 -24.17 -21.65 -6.02
CA GLN C 145 -24.73 -22.72 -5.19
C GLN C 145 -23.79 -23.91 -5.32
N PRO C 146 -23.05 -24.28 -4.24
CA PRO C 146 -22.05 -25.36 -4.35
C PRO C 146 -22.65 -26.75 -4.14
N GLY C 147 -21.97 -27.76 -4.68
CA GLY C 147 -22.48 -29.12 -4.66
C GLY C 147 -21.92 -29.95 -3.51
N LEU C 148 -22.26 -31.24 -3.58
CA LEU C 148 -22.31 -32.11 -2.41
C LEU C 148 -20.93 -32.49 -1.79
N PRO C 149 -19.87 -32.64 -2.62
CA PRO C 149 -18.50 -32.91 -2.08
C PRO C 149 -17.82 -31.72 -1.37
N LEU C 150 -18.00 -30.52 -1.92
CA LEU C 150 -17.61 -29.28 -1.24
C LEU C 150 -18.41 -29.16 0.08
N ARG C 151 -19.75 -29.26 0.01
CA ARG C 151 -20.60 -29.29 1.23
C ARG C 151 -20.10 -30.31 2.29
N VAL C 152 -19.73 -31.50 1.83
CA VAL C 152 -19.25 -32.53 2.72
C VAL C 152 -17.86 -32.19 3.28
N SER C 153 -16.92 -31.76 2.42
CA SER C 153 -15.54 -31.60 2.93
C SER C 153 -15.47 -30.46 3.95
N ILE C 154 -16.30 -29.44 3.71
CA ILE C 154 -16.58 -28.33 4.66
C ILE C 154 -16.90 -28.74 6.10
N ILE C 155 -17.91 -29.59 6.22
CA ILE C 155 -18.42 -30.07 7.51
C ILE C 155 -17.35 -30.81 8.26
N ILE C 156 -16.64 -31.71 7.58
CA ILE C 156 -15.65 -32.55 8.27
C ILE C 156 -14.40 -31.69 8.59
N THR C 157 -14.12 -30.72 7.71
CA THR C 157 -13.05 -29.75 7.96
C THR C 157 -13.31 -28.95 9.24
N GLN C 158 -14.56 -28.55 9.44
CA GLN C 158 -14.94 -27.85 10.66
C GLN C 158 -14.60 -28.68 11.89
N ALA C 159 -15.04 -29.94 11.91
CA ALA C 159 -14.76 -30.83 13.02
C ALA C 159 -13.27 -30.86 13.34
N ILE C 160 -12.46 -31.05 12.30
CA ILE C 160 -11.00 -31.11 12.42
C ILE C 160 -10.41 -29.76 12.83
N MET C 161 -10.84 -28.70 12.17
CA MET C 161 -10.24 -27.38 12.40
C MET C 161 -10.66 -26.77 13.73
N TYR C 162 -11.91 -26.99 14.14
CA TYR C 162 -12.34 -26.57 15.48
C TYR C 162 -11.45 -27.24 16.52
N LEU C 163 -11.40 -28.56 16.45
CA LEU C 163 -10.69 -29.34 17.45
C LEU C 163 -9.23 -28.91 17.51
N PHE C 164 -8.62 -28.75 16.33
CA PHE C 164 -7.23 -28.31 16.20
C PHE C 164 -6.97 -26.95 16.86
N LEU C 165 -7.74 -25.96 16.44
CA LEU C 165 -7.60 -24.55 16.91
C LEU C 165 -7.86 -24.40 18.41
N LEU C 166 -8.86 -25.14 18.88
CA LEU C 166 -9.19 -25.18 20.29
C LEU C 166 -8.03 -25.68 21.15
N VAL C 167 -7.55 -26.90 20.91
CA VAL C 167 -6.37 -27.40 21.68
C VAL C 167 -5.17 -26.49 21.41
N ALA C 168 -4.97 -26.08 20.15
CA ALA C 168 -3.86 -25.20 19.80
C ALA C 168 -3.89 -23.88 20.59
N TYR C 169 -5.07 -23.25 20.70
CA TYR C 169 -5.20 -21.93 21.35
C TYR C 169 -4.89 -22.07 22.85
N VAL C 170 -5.35 -23.20 23.42
CA VAL C 170 -5.08 -23.51 24.83
C VAL C 170 -3.56 -23.65 25.03
N ILE C 171 -2.90 -24.44 24.17
CA ILE C 171 -1.46 -24.63 24.32
C ILE C 171 -0.75 -23.31 24.05
N SER C 172 -0.74 -22.84 22.80
CA SER C 172 -0.03 -21.61 22.45
C SER C 172 -0.96 -20.68 21.70
N PRO C 173 -1.40 -19.61 22.35
CA PRO C 173 -2.12 -18.60 21.59
C PRO C 173 -1.18 -17.77 20.69
N ARG C 174 0.09 -17.68 21.06
CA ARG C 174 1.12 -17.05 20.19
C ARG C 174 1.19 -17.73 18.84
N PHE C 175 1.01 -19.04 18.83
CA PHE C 175 0.96 -19.82 17.61
C PHE C 175 -0.25 -19.43 16.78
N VAL C 176 -1.45 -19.59 17.32
CA VAL C 176 -2.68 -19.39 16.52
C VAL C 176 -2.77 -17.96 15.97
N HIS C 177 -2.44 -16.97 16.78
CA HIS C 177 -2.40 -15.59 16.29
C HIS C 177 -1.40 -15.33 15.13
N ARG C 178 -0.24 -15.99 15.12
CA ARG C 178 0.76 -15.86 14.03
C ARG C 178 0.30 -16.61 12.77
N PHE C 179 -0.18 -17.81 13.00
CA PHE C 179 -0.72 -18.67 11.96
C PHE C 179 -1.78 -17.91 11.20
N VAL C 180 -2.76 -17.37 11.92
CA VAL C 180 -3.81 -16.53 11.33
C VAL C 180 -3.21 -15.29 10.66
N GLY C 181 -2.25 -14.67 11.33
CA GLY C 181 -1.41 -13.67 10.70
C GLY C 181 -1.06 -14.08 9.28
N TYR C 182 -0.43 -15.25 9.15
CA TYR C 182 0.03 -15.73 7.84
C TYR C 182 -1.07 -16.20 6.88
N LEU C 183 -2.17 -16.74 7.38
CA LEU C 183 -3.36 -16.97 6.52
C LEU C 183 -3.85 -15.68 5.86
N GLU C 184 -3.82 -14.58 6.60
CA GLU C 184 -4.35 -13.33 6.10
C GLU C 184 -3.36 -12.67 5.09
N GLU C 185 -2.06 -12.91 5.27
CA GLU C 185 -1.08 -12.59 4.23
C GLU C 185 -1.53 -13.20 2.87
N GLU C 186 -1.90 -14.48 2.88
CA GLU C 186 -2.40 -15.16 1.68
C GLU C 186 -3.72 -14.57 1.15
N ALA C 187 -4.71 -14.35 2.02
CA ALA C 187 -6.00 -13.84 1.56
C ALA C 187 -5.87 -12.45 0.91
N VAL C 188 -4.99 -11.60 1.42
CA VAL C 188 -4.79 -10.29 0.79
C VAL C 188 -4.28 -10.55 -0.62
N ILE C 189 -3.29 -11.45 -0.76
CA ILE C 189 -2.77 -11.91 -2.06
C ILE C 189 -3.87 -12.48 -2.97
N THR C 190 -4.61 -13.46 -2.49
CA THR C 190 -5.77 -13.98 -3.19
C THR C 190 -6.68 -12.90 -3.79
N TYR C 191 -7.19 -12.02 -2.93
CA TYR C 191 -8.20 -11.07 -3.38
C TYR C 191 -7.60 -10.00 -4.28
N THR C 192 -6.33 -9.66 -4.06
CA THR C 192 -5.63 -8.80 -5.01
C THR C 192 -5.39 -9.53 -6.37
N GLY C 193 -5.20 -10.84 -6.38
CA GLY C 193 -5.22 -11.58 -7.64
C GLY C 193 -6.56 -11.49 -8.36
N VAL C 194 -7.66 -11.61 -7.61
CA VAL C 194 -9.00 -11.51 -8.20
C VAL C 194 -9.15 -10.13 -8.83
N MET C 195 -8.70 -9.07 -8.15
CA MET C 195 -8.87 -7.71 -8.67
C MET C 195 -8.02 -7.45 -9.92
N ARG C 196 -6.76 -7.92 -9.91
CA ARG C 196 -5.89 -8.05 -11.10
C ARG C 196 -6.72 -8.66 -12.23
N ALA C 197 -7.29 -9.83 -11.95
CA ALA C 197 -7.99 -10.59 -12.98
C ALA C 197 -9.17 -9.85 -13.55
N ILE C 198 -9.86 -9.07 -12.74
CA ILE C 198 -10.91 -8.24 -13.28
C ILE C 198 -10.32 -7.12 -14.15
N ASP C 199 -9.17 -6.56 -13.75
CA ASP C 199 -8.54 -5.46 -14.46
C ASP C 199 -7.99 -5.80 -15.81
N GLU C 200 -7.45 -7.02 -15.96
CA GLU C 200 -7.01 -7.47 -17.30
C GLU C 200 -8.14 -8.03 -18.18
N GLY C 201 -9.40 -7.77 -17.84
CA GLY C 201 -10.54 -8.28 -18.60
C GLY C 201 -10.89 -9.77 -18.41
N ARG C 202 -10.17 -10.50 -17.54
CA ARG C 202 -10.29 -11.97 -17.49
C ARG C 202 -11.48 -12.51 -16.71
N LEU C 203 -11.86 -11.80 -15.65
CA LEU C 203 -13.19 -11.94 -15.06
C LEU C 203 -13.97 -10.68 -15.44
N ARG C 204 -15.22 -10.89 -15.85
CA ARG C 204 -16.09 -9.82 -16.38
C ARG C 204 -17.24 -9.64 -15.42
N PRO C 205 -16.92 -9.29 -14.15
CA PRO C 205 -17.74 -9.74 -13.04
C PRO C 205 -19.12 -9.18 -13.22
N THR C 206 -20.13 -10.08 -13.14
CA THR C 206 -21.59 -9.79 -13.13
C THR C 206 -21.94 -8.26 -13.30
N LYS C 207 -21.05 -7.44 -12.73
CA LYS C 207 -20.98 -5.99 -12.84
C LYS C 207 -21.78 -5.61 -11.61
N ASN C 208 -22.79 -4.79 -11.76
CA ASN C 208 -23.36 -4.22 -10.60
C ASN C 208 -24.15 -5.29 -9.84
N ASP C 209 -24.30 -6.50 -10.41
CA ASP C 209 -25.00 -7.59 -9.72
C ASP C 209 -24.11 -8.35 -8.63
N VAL C 210 -24.11 -7.66 -7.48
CA VAL C 210 -23.36 -7.79 -6.25
C VAL C 210 -24.43 -8.02 -5.19
N PRO C 211 -24.29 -9.00 -4.28
CA PRO C 211 -25.45 -9.33 -3.43
C PRO C 211 -25.92 -8.23 -2.47
N GLU C 212 -27.21 -8.18 -2.17
CA GLU C 212 -27.74 -7.08 -1.37
C GLU C 212 -27.19 -7.12 0.06
N VAL C 213 -27.04 -8.33 0.63
CA VAL C 213 -26.27 -8.53 1.89
C VAL C 213 -25.03 -7.66 1.95
N ALA C 214 -24.25 -7.69 0.90
CA ALA C 214 -22.97 -7.02 0.89
C ALA C 214 -23.10 -5.51 0.63
N ARG C 215 -24.07 -5.15 -0.20
CA ARG C 215 -24.31 -3.75 -0.52
C ARG C 215 -24.62 -3.01 0.77
N VAL C 216 -25.35 -3.63 1.72
CA VAL C 216 -25.65 -2.98 3.01
C VAL C 216 -24.59 -3.23 4.10
N TYR C 217 -23.94 -4.40 4.12
CA TYR C 217 -22.91 -4.67 5.15
C TYR C 217 -21.68 -3.72 5.05
N TRP C 218 -21.23 -3.49 3.83
CA TRP C 218 -20.09 -2.60 3.60
C TRP C 218 -20.50 -1.21 3.26
N ASN C 219 -21.80 -1.03 2.97
CA ASN C 219 -22.40 0.27 2.66
C ASN C 219 -21.92 0.81 1.32
N LEU C 220 -22.09 -0.02 0.32
CA LEU C 220 -21.63 0.28 -1.00
C LEU C 220 -22.71 1.06 -1.70
N SER C 221 -22.27 1.89 -2.64
CA SER C 221 -23.18 2.68 -3.46
C SER C 221 -24.10 1.77 -4.28
N LYS C 222 -25.27 2.30 -4.63
CA LYS C 222 -26.27 1.52 -5.37
C LYS C 222 -25.79 1.08 -6.74
N ASN C 223 -24.73 1.72 -7.25
CA ASN C 223 -23.91 1.13 -8.30
C ASN C 223 -22.44 1.38 -8.01
N ALA C 224 -21.90 0.52 -7.17
CA ALA C 224 -20.47 0.30 -7.09
C ALA C 224 -20.28 -1.03 -7.79
N THR C 225 -19.07 -1.28 -8.24
CA THR C 225 -18.84 -2.39 -9.16
C THR C 225 -18.56 -3.62 -8.34
N PHE C 226 -18.57 -4.78 -8.96
CA PHE C 226 -18.15 -5.98 -8.26
C PHE C 226 -16.69 -5.90 -7.79
N ARG C 227 -15.85 -5.13 -8.47
CA ARG C 227 -14.47 -4.95 -8.04
C ARG C 227 -14.35 -4.29 -6.68
N ASP C 228 -15.24 -3.32 -6.44
CA ASP C 228 -15.32 -2.59 -5.17
C ASP C 228 -15.64 -3.52 -4.00
N LEU C 229 -16.35 -4.60 -4.27
CA LEU C 229 -16.68 -5.61 -3.27
C LEU C 229 -15.42 -6.35 -2.87
N ILE C 230 -14.67 -6.80 -3.85
CA ILE C 230 -13.41 -7.49 -3.60
C ILE C 230 -12.45 -6.51 -2.92
N ASN C 231 -12.45 -5.26 -3.38
CA ASN C 231 -11.65 -4.23 -2.72
C ASN C 231 -11.93 -4.08 -1.18
N VAL C 232 -13.22 -4.00 -0.79
CA VAL C 232 -13.57 -3.93 0.64
C VAL C 232 -13.29 -5.22 1.42
N ILE C 233 -13.63 -6.36 0.85
CA ILE C 233 -13.28 -7.65 1.42
C ILE C 233 -11.77 -7.72 1.66
N ARG C 234 -10.99 -7.30 0.69
CA ARG C 234 -9.52 -7.40 0.84
C ARG C 234 -8.99 -6.50 1.96
N ALA C 235 -9.68 -5.39 2.24
CA ALA C 235 -9.34 -4.55 3.40
C ALA C 235 -9.69 -5.22 4.77
N ASP C 236 -10.82 -5.91 4.83
CA ASP C 236 -11.19 -6.63 6.03
C ASP C 236 -10.12 -7.64 6.38
N GLU C 237 -9.63 -8.35 5.39
CA GLU C 237 -8.55 -9.34 5.61
C GLU C 237 -7.21 -8.71 6.03
N ALA C 238 -6.94 -7.49 5.58
CA ALA C 238 -5.69 -6.80 5.93
C ALA C 238 -5.72 -6.23 7.35
N GLU C 239 -6.90 -5.84 7.82
CA GLU C 239 -7.09 -5.57 9.26
C GLU C 239 -6.72 -6.80 10.12
N HIS C 240 -7.20 -7.96 9.71
CA HIS C 240 -6.94 -9.15 10.46
C HIS C 240 -5.46 -9.49 10.39
N ARG C 241 -4.82 -9.12 9.30
CA ARG C 241 -3.41 -9.36 9.14
C ARG C 241 -2.64 -8.65 10.25
N VAL C 242 -2.76 -7.33 10.33
CA VAL C 242 -2.08 -6.58 11.41
C VAL C 242 -2.54 -6.92 12.81
N VAL C 243 -3.85 -7.11 12.99
CA VAL C 243 -4.39 -7.38 14.32
C VAL C 243 -3.81 -8.70 14.90
N ASN C 244 -3.90 -9.79 14.14
CA ASN C 244 -3.36 -11.06 14.57
C ASN C 244 -1.83 -11.15 14.67
N HIS C 245 -1.08 -10.42 13.85
CA HIS C 245 0.38 -10.43 14.03
C HIS C 245 0.75 -9.63 15.23
N THR C 246 -0.02 -8.57 15.50
CA THR C 246 0.16 -7.74 16.70
C THR C 246 -0.16 -8.57 17.97
N PHE C 247 -1.25 -9.33 17.92
CA PHE C 247 -1.60 -10.25 19.01
C PHE C 247 -0.49 -11.30 19.23
N ALA C 248 -0.12 -12.01 18.18
CA ALA C 248 1.05 -12.89 18.24
C ALA C 248 2.29 -12.23 18.90
N ASP C 249 2.62 -11.00 18.50
CA ASP C 249 3.75 -10.31 19.09
C ASP C 249 3.57 -10.09 20.58
N MET C 250 2.38 -9.65 20.98
CA MET C 250 2.12 -9.37 22.40
C MET C 250 2.30 -10.60 23.29
N HIS C 251 1.81 -11.76 22.85
CA HIS C 251 2.09 -13.00 23.57
C HIS C 251 3.59 -13.24 23.73
N GLU C 252 4.36 -13.03 22.66
CA GLU C 252 5.82 -13.22 22.66
C GLU C 252 6.49 -12.35 23.71
N LYS C 253 6.03 -11.12 23.89
CA LYS C 253 6.63 -10.20 24.88
C LYS C 253 5.89 -10.19 26.24
N ARG C 254 5.17 -11.28 26.52
CA ARG C 254 4.41 -11.46 27.77
C ARG C 254 3.39 -10.33 28.04
N LEU C 255 2.67 -9.90 27.01
CA LEU C 255 1.73 -8.75 27.11
C LEU C 255 0.25 -9.13 26.87
N GLN C 256 -0.17 -10.34 27.27
CA GLN C 256 -1.54 -10.86 26.93
C GLN C 256 -2.64 -10.14 27.66
N ASN C 257 -2.35 -9.72 28.88
CA ASN C 257 -3.29 -9.03 29.72
C ASN C 257 -3.13 -7.51 29.66
N SER C 258 -2.47 -7.02 28.60
CA SER C 258 -2.38 -5.58 28.34
C SER C 258 -3.60 -5.18 27.56
N VAL C 259 -3.81 -3.88 27.45
CA VAL C 259 -4.88 -3.37 26.65
C VAL C 259 -4.63 -3.76 25.17
N ASN C 260 -5.65 -4.37 24.54
CA ASN C 260 -5.76 -4.53 23.09
C ASN C 260 -5.65 -3.16 22.51
N PRO C 261 -4.60 -2.88 21.75
CA PRO C 261 -4.40 -1.51 21.35
C PRO C 261 -5.33 -1.05 20.23
N PHE C 262 -5.94 -1.98 19.50
CA PHE C 262 -6.77 -1.61 18.34
C PHE C 262 -8.08 -0.89 18.68
N VAL C 263 -8.54 -1.01 19.93
CA VAL C 263 -9.70 -0.27 20.42
C VAL C 263 -9.49 1.24 20.46
N VAL C 264 -8.27 1.69 20.77
CA VAL C 264 -7.96 3.14 20.76
C VAL C 264 -7.54 3.60 19.35
N LEU C 265 -6.97 2.68 18.57
CA LEU C 265 -6.55 2.97 17.20
C LEU C 265 -7.67 2.99 16.17
N LYS C 266 -8.92 2.73 16.56
CA LYS C 266 -10.06 3.11 15.71
C LYS C 266 -11.39 3.24 16.48
N PRO D 2 -9.02 7.71 5.74
CA PRO D 2 -9.10 8.46 7.00
C PRO D 2 -8.10 7.92 8.02
N VAL D 3 -8.48 7.87 9.31
CA VAL D 3 -7.50 7.57 10.38
C VAL D 3 -7.41 6.06 10.76
N TRP D 4 -8.43 5.29 10.36
CA TRP D 4 -8.28 3.85 10.19
C TRP D 4 -8.41 3.51 8.69
N GLY D 5 -7.27 3.37 8.02
CA GLY D 5 -7.21 3.14 6.57
C GLY D 5 -5.95 2.41 6.13
N HIS D 6 -5.65 2.48 4.82
CA HIS D 6 -4.56 1.66 4.23
C HIS D 6 -3.21 1.88 4.91
N THR D 7 -2.95 3.09 5.41
CA THR D 7 -1.67 3.36 6.07
C THR D 7 -1.42 2.46 7.28
N GLN D 8 -2.50 2.21 8.03
CA GLN D 8 -2.47 1.36 9.23
C GLN D 8 -2.54 -0.10 8.82
N LEU D 9 -3.42 -0.45 7.87
CA LEU D 9 -3.61 -1.84 7.47
C LEU D 9 -2.36 -2.42 6.83
N ASN D 10 -1.55 -1.56 6.21
CA ASN D 10 -0.28 -1.98 5.61
C ASN D 10 0.84 -2.12 6.62
N ARG D 11 0.66 -1.60 7.84
CA ARG D 11 1.67 -1.79 8.88
C ARG D 11 1.81 -3.28 9.21
N LEU D 12 2.95 -3.62 9.81
CA LEU D 12 3.32 -5.02 10.01
C LEU D 12 2.81 -5.51 11.32
N SER D 13 3.06 -4.71 12.37
CA SER D 13 2.64 -4.95 13.72
C SER D 13 2.43 -3.66 14.47
N PHE D 14 1.53 -3.63 15.45
CA PHE D 14 1.40 -2.45 16.32
C PHE D 14 2.00 -2.66 17.74
N LEU D 15 2.87 -3.66 17.91
CA LEU D 15 3.57 -3.98 19.18
C LEU D 15 4.09 -2.74 19.88
N GLU D 16 4.78 -1.90 19.12
CA GLU D 16 5.48 -0.76 19.69
C GLU D 16 4.56 0.28 20.32
N THR D 17 3.26 0.28 19.99
CA THR D 17 2.32 1.30 20.55
C THR D 17 1.61 0.88 21.86
N VAL D 18 1.74 -0.38 22.29
CA VAL D 18 1.01 -0.87 23.48
C VAL D 18 1.39 -0.15 24.77
N PRO D 19 2.62 0.40 24.88
CA PRO D 19 2.98 1.20 26.07
C PRO D 19 2.47 2.66 26.13
N VAL D 20 1.79 3.13 25.10
CA VAL D 20 1.32 4.52 25.06
C VAL D 20 -0.19 4.59 24.82
N VAL D 21 -0.89 3.47 24.91
CA VAL D 21 -2.30 3.44 24.58
C VAL D 21 -3.04 3.27 25.92
N PRO D 22 -3.83 4.27 26.35
CA PRO D 22 -4.37 4.23 27.72
C PRO D 22 -5.36 3.08 27.96
N LEU D 23 -5.49 2.68 29.22
CA LEU D 23 -6.49 1.66 29.64
C LEU D 23 -7.75 2.43 29.97
N ARG D 24 -8.65 2.56 29.00
CA ARG D 24 -9.92 3.26 29.23
C ARG D 24 -10.93 2.21 29.62
N VAL D 25 -11.82 2.59 30.52
CA VAL D 25 -12.79 1.63 31.05
C VAL D 25 -13.91 1.36 30.01
N SER D 26 -14.15 2.34 29.11
CA SER D 26 -15.07 2.18 27.98
C SER D 26 -14.73 1.01 27.09
N ASP D 27 -13.43 0.70 26.97
CA ASP D 27 -12.97 -0.33 26.06
C ASP D 27 -13.22 -1.74 26.56
N GLU D 28 -13.66 -1.87 27.81
CA GLU D 28 -13.88 -3.19 28.40
C GLU D 28 -15.03 -3.97 27.74
N SER D 29 -15.96 -3.29 27.07
CA SER D 29 -16.99 -3.95 26.28
C SER D 29 -17.02 -3.45 24.84
N SER D 30 -17.72 -4.24 24.03
CA SER D 30 -18.31 -3.79 22.78
C SER D 30 -19.09 -2.48 22.97
N GLU D 31 -19.38 -1.82 21.86
CA GLU D 31 -20.10 -0.56 21.88
C GLU D 31 -21.61 -0.75 21.95
N ASP D 32 -22.08 -1.99 22.05
CA ASP D 32 -23.49 -2.24 22.10
C ASP D 32 -23.96 -2.28 23.57
N ARG D 33 -23.99 -1.11 24.20
CA ARG D 33 -24.31 -0.97 25.64
C ARG D 33 -25.79 -0.69 25.84
N PRO D 34 -26.37 -1.18 26.95
CA PRO D 34 -27.81 -0.92 27.18
C PRO D 34 -28.08 0.51 27.55
N THR D 35 -29.29 0.96 27.27
CA THR D 35 -29.62 2.36 27.43
C THR D 35 -30.99 2.51 28.05
N TRP D 36 -31.06 2.29 29.34
CA TRP D 36 -32.32 2.28 30.01
C TRP D 36 -32.64 3.69 30.47
N SER D 37 -33.93 4.05 30.44
CA SER D 37 -34.48 5.17 31.18
C SER D 37 -34.81 4.73 32.62
N LEU D 38 -34.03 5.23 33.58
CA LEU D 38 -34.16 4.82 34.99
C LEU D 38 -35.59 4.85 35.59
N PRO D 39 -36.37 5.91 35.37
CA PRO D 39 -37.79 5.92 35.80
C PRO D 39 -38.63 4.82 35.21
N ASP D 40 -38.41 4.49 33.95
CA ASP D 40 -39.20 3.48 33.24
C ASP D 40 -38.93 2.08 33.78
N ILE D 41 -37.65 1.73 34.02
CA ILE D 41 -37.26 0.33 34.33
C ILE D 41 -37.41 -0.01 35.80
N GLU D 42 -37.64 1.03 36.58
CA GLU D 42 -38.28 0.98 37.87
C GLU D 42 -39.54 0.11 37.88
N ASN D 43 -40.30 0.12 36.80
CA ASN D 43 -41.51 -0.69 36.64
C ASN D 43 -41.26 -2.10 36.05
N VAL D 44 -40.01 -2.53 36.00
CA VAL D 44 -39.74 -3.90 35.62
C VAL D 44 -40.36 -4.78 36.70
N ALA D 45 -41.22 -5.71 36.30
CA ALA D 45 -41.89 -6.61 37.23
C ALA D 45 -41.24 -8.00 37.36
N ILE D 46 -41.73 -8.74 38.34
CA ILE D 46 -41.39 -10.14 38.53
C ILE D 46 -42.50 -10.92 37.82
N THR D 47 -42.07 -11.71 36.83
CA THR D 47 -42.95 -12.49 36.00
C THR D 47 -42.63 -13.98 36.16
N HIS D 48 -43.59 -14.78 35.72
CA HIS D 48 -43.40 -16.21 35.62
C HIS D 48 -44.12 -16.77 34.41
N LYS D 49 -43.35 -17.39 33.51
CA LYS D 49 -43.87 -18.12 32.36
C LYS D 49 -43.87 -19.59 32.75
N LYS D 50 -45.00 -20.24 32.62
CA LYS D 50 -45.28 -21.40 33.42
C LYS D 50 -44.96 -22.55 32.51
N PRO D 51 -44.30 -23.61 33.03
CA PRO D 51 -43.82 -24.67 32.15
C PRO D 51 -44.98 -25.26 31.38
N ASN D 52 -44.75 -25.62 30.11
CA ASN D 52 -45.83 -26.16 29.28
C ASN D 52 -45.67 -27.59 28.76
N GLY D 53 -44.58 -28.28 29.05
CA GLY D 53 -44.49 -29.70 28.74
C GLY D 53 -43.33 -30.31 29.46
N LEU D 54 -43.00 -31.55 29.09
CA LEU D 54 -41.88 -32.23 29.70
C LEU D 54 -40.65 -31.32 29.82
N VAL D 55 -40.28 -30.73 28.69
CA VAL D 55 -39.01 -29.99 28.54
C VAL D 55 -38.92 -28.77 29.48
N ASP D 56 -39.96 -27.95 29.50
CA ASP D 56 -39.99 -26.80 30.39
C ASP D 56 -39.92 -27.25 31.86
N THR D 57 -40.71 -28.27 32.18
CA THR D 57 -40.78 -28.80 33.53
C THR D 57 -39.44 -29.33 34.01
N LEU D 58 -38.70 -29.94 33.09
CA LEU D 58 -37.36 -30.39 33.40
C LEU D 58 -36.43 -29.19 33.56
N ALA D 59 -36.63 -28.18 32.71
CA ALA D 59 -35.86 -26.93 32.80
C ALA D 59 -36.12 -26.23 34.11
N TYR D 60 -37.40 -26.14 34.49
CA TYR D 60 -37.78 -25.43 35.72
C TYR D 60 -37.22 -26.12 36.98
N ARG D 61 -37.35 -27.44 37.00
CA ARG D 61 -36.86 -28.25 38.11
C ARG D 61 -35.35 -28.18 38.19
N SER D 62 -34.71 -28.16 37.03
CA SER D 62 -33.26 -28.06 36.96
C SER D 62 -32.74 -26.81 37.65
N VAL D 63 -33.49 -25.71 37.53
CA VAL D 63 -33.09 -24.44 38.14
C VAL D 63 -33.23 -24.51 39.65
N ARG D 64 -34.37 -25.02 40.15
CA ARG D 64 -34.60 -25.13 41.61
C ARG D 64 -33.59 -26.05 42.31
N THR D 65 -33.06 -27.05 41.58
CA THR D 65 -31.97 -27.90 42.06
C THR D 65 -30.69 -27.12 42.33
N CYS D 66 -30.23 -26.39 41.33
CA CYS D 66 -29.05 -25.53 41.45
C CYS D 66 -29.18 -24.49 42.56
N ARG D 67 -30.38 -24.18 43.02
CA ARG D 67 -30.53 -23.33 44.20
C ARG D 67 -30.07 -24.12 45.45
N TRP D 68 -30.77 -25.24 45.73
CA TRP D 68 -30.41 -26.18 46.79
C TRP D 68 -28.88 -26.47 46.82
N LEU D 69 -28.25 -26.62 45.65
CA LEU D 69 -26.79 -26.85 45.57
C LEU D 69 -25.94 -25.72 46.11
N PHE D 70 -26.23 -24.46 45.77
CA PHE D 70 -25.45 -23.32 46.31
C PHE D 70 -26.03 -22.75 47.61
N ASP D 71 -27.29 -23.03 47.94
CA ASP D 71 -27.84 -22.61 49.25
C ASP D 71 -27.11 -23.27 50.42
N THR D 72 -26.97 -24.60 50.33
CA THR D 72 -26.34 -25.36 51.40
C THR D 72 -24.81 -25.15 51.40
N PHE D 73 -24.18 -25.30 50.22
CA PHE D 73 -22.70 -25.16 50.06
C PHE D 73 -22.16 -23.76 50.40
N SER D 74 -22.92 -22.70 50.10
CA SER D 74 -22.48 -21.32 50.39
C SER D 74 -22.73 -20.83 51.83
N LEU D 75 -23.48 -21.59 52.63
CA LEU D 75 -23.82 -21.23 54.02
C LEU D 75 -24.63 -19.92 54.05
N TYR D 76 -25.68 -19.86 53.23
CA TYR D 76 -26.39 -18.59 52.95
C TYR D 76 -27.40 -18.16 54.04
N ARG D 77 -28.05 -19.13 54.71
CA ARG D 77 -29.01 -18.86 55.80
C ARG D 77 -28.39 -18.84 57.22
N PHE D 78 -27.08 -19.11 57.29
CA PHE D 78 -26.35 -19.23 58.56
C PHE D 78 -25.98 -17.85 59.14
N GLY D 79 -26.31 -17.63 60.41
CA GLY D 79 -26.34 -16.28 60.98
C GLY D 79 -27.38 -15.48 60.21
N SER D 80 -27.26 -14.15 60.29
CA SER D 80 -28.00 -13.28 59.37
C SER D 80 -27.36 -13.38 57.98
N ILE D 81 -28.09 -12.91 56.97
CA ILE D 81 -27.55 -12.84 55.62
C ILE D 81 -26.75 -11.54 55.61
N THR D 82 -25.42 -11.60 55.57
CA THR D 82 -24.58 -10.39 55.57
C THR D 82 -24.45 -9.78 54.16
N GLU D 83 -23.87 -8.59 54.06
CA GLU D 83 -23.56 -7.97 52.75
C GLU D 83 -22.60 -8.85 51.95
N SER D 84 -21.54 -9.28 52.62
CA SER D 84 -20.49 -10.10 52.01
C SER D 84 -20.97 -11.38 51.32
N LYS D 85 -21.89 -12.12 51.91
CA LYS D 85 -22.33 -13.33 51.24
C LYS D 85 -23.24 -13.09 50.00
N VAL D 86 -24.11 -12.09 50.05
CA VAL D 86 -24.93 -11.70 48.88
C VAL D 86 -24.09 -11.14 47.73
N ILE D 87 -23.08 -10.31 48.00
CA ILE D 87 -22.07 -9.96 46.96
C ILE D 87 -21.45 -11.24 46.40
N SER D 88 -20.95 -12.09 47.28
CA SER D 88 -20.27 -13.30 46.89
C SER D 88 -21.17 -14.26 46.18
N ARG D 89 -22.46 -14.16 46.46
CA ARG D 89 -23.46 -14.94 45.76
C ARG D 89 -23.54 -14.48 44.30
N CYS D 90 -23.61 -13.16 44.14
CA CYS D 90 -23.79 -12.56 42.83
C CYS D 90 -22.51 -12.62 42.04
N LEU D 91 -21.39 -12.49 42.74
CA LEU D 91 -20.06 -12.70 42.18
C LEU D 91 -19.99 -14.08 41.57
N PHE D 92 -20.53 -15.08 42.28
CA PHE D 92 -20.54 -16.46 41.79
C PHE D 92 -21.48 -16.63 40.57
N LEU D 93 -22.73 -16.21 40.70
CA LEU D 93 -23.75 -16.46 39.66
C LEU D 93 -23.37 -15.92 38.28
N GLU D 94 -22.78 -14.71 38.27
CA GLU D 94 -22.38 -14.07 37.03
C GLU D 94 -21.18 -14.75 36.36
N THR D 95 -20.33 -15.47 37.08
CA THR D 95 -19.32 -16.32 36.38
C THR D 95 -20.01 -17.38 35.49
N VAL D 96 -21.10 -17.97 35.97
CA VAL D 96 -21.83 -18.98 35.19
C VAL D 96 -22.71 -18.35 34.11
N ALA D 97 -23.33 -17.18 34.35
CA ALA D 97 -24.31 -16.61 33.37
C ALA D 97 -23.63 -16.07 32.08
N GLY D 98 -22.33 -15.78 32.18
CA GLY D 98 -21.51 -15.44 31.02
C GLY D 98 -21.30 -16.61 30.09
N VAL D 99 -21.63 -17.82 30.52
CA VAL D 99 -21.38 -19.05 29.75
C VAL D 99 -22.49 -19.34 28.69
N PRO D 100 -23.79 -19.47 29.10
CA PRO D 100 -24.81 -19.91 28.12
C PRO D 100 -24.87 -19.21 26.74
N GLY D 101 -24.93 -17.89 26.70
CA GLY D 101 -25.03 -17.19 25.43
C GLY D 101 -23.78 -17.34 24.55
N MET D 102 -22.63 -17.53 25.20
CA MET D 102 -21.39 -17.74 24.51
C MET D 102 -21.35 -19.09 23.82
N VAL D 103 -21.93 -20.15 24.44
CA VAL D 103 -22.02 -21.44 23.75
C VAL D 103 -23.11 -21.41 22.68
N GLY D 104 -24.28 -20.88 23.02
CA GLY D 104 -25.38 -20.83 22.06
C GLY D 104 -25.04 -19.97 20.88
N GLY D 105 -24.31 -18.89 21.15
CA GLY D 105 -23.77 -18.04 20.11
C GLY D 105 -22.82 -18.76 19.19
N MET D 106 -21.71 -19.23 19.74
CA MET D 106 -20.77 -20.06 18.99
C MET D 106 -21.41 -21.16 18.13
N LEU D 107 -22.41 -21.85 18.66
CA LEU D 107 -22.93 -23.05 18.01
C LEU D 107 -23.82 -22.67 16.85
N ARG D 108 -24.55 -21.57 17.02
CA ARG D 108 -25.33 -20.98 15.92
C ARG D 108 -24.45 -20.34 14.86
N HIS D 109 -23.32 -19.80 15.31
CA HIS D 109 -22.25 -19.32 14.45
C HIS D 109 -21.70 -20.47 13.57
N LEU D 110 -21.14 -21.50 14.21
CA LEU D 110 -20.61 -22.69 13.51
C LEU D 110 -21.64 -23.36 12.59
N SER D 111 -22.92 -23.31 12.94
CA SER D 111 -23.98 -23.84 12.07
C SER D 111 -24.03 -23.10 10.77
N SER D 112 -24.15 -21.78 10.87
CA SER D 112 -24.13 -20.88 9.74
C SER D 112 -22.90 -21.11 8.83
N LEU D 113 -21.74 -21.33 9.44
CA LEU D 113 -20.54 -21.55 8.65
C LEU D 113 -20.67 -22.80 7.81
N ARG D 114 -20.78 -23.96 8.45
CA ARG D 114 -20.75 -25.23 7.74
C ARG D 114 -21.96 -25.51 6.83
N TYR D 115 -23.14 -24.99 7.14
CA TYR D 115 -24.26 -25.05 6.20
C TYR D 115 -24.33 -23.82 5.30
N MET D 116 -23.58 -22.78 5.61
CA MET D 116 -23.57 -21.57 4.79
C MET D 116 -24.95 -20.93 4.65
N THR D 117 -25.65 -20.83 5.80
CA THR D 117 -27.00 -20.22 5.88
C THR D 117 -27.07 -18.96 6.75
N ARG D 118 -28.07 -18.14 6.43
CA ARG D 118 -28.33 -16.92 7.13
C ARG D 118 -28.76 -17.24 8.55
N ASP D 119 -28.06 -16.69 9.52
CA ASP D 119 -28.45 -16.80 10.92
C ASP D 119 -29.65 -15.94 11.30
N LYS D 120 -29.89 -14.87 10.54
CA LYS D 120 -31.01 -13.97 10.73
C LYS D 120 -31.05 -13.21 12.08
N GLY D 121 -29.88 -12.91 12.66
CA GLY D 121 -29.77 -12.04 13.82
C GLY D 121 -29.68 -12.66 15.22
N TRP D 122 -29.65 -13.99 15.34
CA TRP D 122 -29.66 -14.63 16.66
C TRP D 122 -28.32 -14.48 17.32
N ILE D 123 -27.30 -14.89 16.60
CA ILE D 123 -25.94 -14.98 17.12
C ILE D 123 -25.60 -13.84 18.02
N ASN D 124 -25.90 -12.64 17.55
CA ASN D 124 -25.37 -11.42 18.14
C ASN D 124 -26.09 -11.03 19.44
N THR D 125 -27.42 -11.23 19.48
CA THR D 125 -28.17 -11.16 20.75
C THR D 125 -27.51 -12.01 21.85
N LEU D 126 -27.05 -13.22 21.46
CA LEU D 126 -26.50 -14.18 22.41
C LEU D 126 -25.07 -13.86 22.80
N LEU D 127 -24.28 -13.34 21.88
CA LEU D 127 -22.94 -12.91 22.26
C LEU D 127 -22.99 -11.69 23.16
N VAL D 128 -23.95 -10.78 22.95
CA VAL D 128 -24.03 -9.62 23.82
C VAL D 128 -24.73 -9.97 25.12
N GLU D 129 -25.72 -10.89 25.12
CA GLU D 129 -26.21 -11.46 26.41
C GLU D 129 -25.00 -11.87 27.27
N ALA D 130 -24.06 -12.63 26.71
CA ALA D 130 -22.89 -13.10 27.47
C ALA D 130 -21.99 -11.99 27.95
N GLU D 131 -21.74 -11.02 27.07
CA GLU D 131 -20.89 -9.89 27.41
C GLU D 131 -21.51 -9.13 28.59
N ASN D 132 -22.84 -8.95 28.53
CA ASN D 132 -23.57 -8.22 29.53
C ASN D 132 -23.44 -8.83 30.92
N GLU D 133 -23.56 -10.15 31.00
CA GLU D 133 -23.32 -10.83 32.26
C GLU D 133 -21.87 -10.70 32.73
N ARG D 134 -20.93 -10.72 31.81
CA ARG D 134 -19.50 -10.58 32.18
C ARG D 134 -19.22 -9.19 32.71
N MET D 135 -19.98 -8.20 32.22
CA MET D 135 -19.87 -6.82 32.69
C MET D 135 -20.54 -6.61 34.04
N HIS D 136 -21.54 -7.43 34.39
CA HIS D 136 -22.02 -7.49 35.78
C HIS D 136 -20.88 -7.98 36.70
N LEU D 137 -20.27 -9.09 36.29
CA LEU D 137 -19.17 -9.67 37.03
C LEU D 137 -17.96 -8.72 37.17
N MET D 138 -17.69 -7.89 36.18
CA MET D 138 -16.62 -6.90 36.30
C MET D 138 -16.97 -5.82 37.32
N THR D 139 -18.26 -5.54 37.44
CA THR D 139 -18.78 -4.56 38.39
C THR D 139 -18.76 -5.07 39.84
N PHE D 140 -19.11 -6.35 40.03
CA PHE D 140 -19.12 -6.95 41.38
C PHE D 140 -17.73 -7.23 41.96
N ILE D 141 -16.80 -7.78 41.18
CA ILE D 141 -15.41 -7.91 41.65
C ILE D 141 -14.79 -6.59 42.18
N GLU D 142 -15.27 -5.43 41.73
CA GLU D 142 -14.82 -4.16 42.26
C GLU D 142 -15.30 -3.86 43.70
N LEU D 143 -16.29 -4.62 44.16
CA LEU D 143 -16.91 -4.38 45.46
C LEU D 143 -16.24 -5.21 46.52
N ARG D 144 -15.85 -6.43 46.23
CA ARG D 144 -15.37 -7.33 47.28
C ARG D 144 -14.46 -8.40 46.67
N GLN D 145 -13.26 -8.53 47.24
CA GLN D 145 -12.25 -9.50 46.80
C GLN D 145 -12.70 -10.82 47.41
N PRO D 146 -13.02 -11.84 46.60
CA PRO D 146 -13.28 -13.16 47.20
C PRO D 146 -11.96 -13.85 47.58
N GLY D 147 -12.04 -14.90 48.39
CA GLY D 147 -10.87 -15.64 48.82
C GLY D 147 -10.86 -17.02 48.20
N LEU D 148 -9.92 -17.83 48.65
CA LEU D 148 -9.56 -19.08 47.98
C LEU D 148 -10.73 -20.07 47.83
N PRO D 149 -11.51 -20.33 48.90
CA PRO D 149 -12.59 -21.33 48.71
C PRO D 149 -13.56 -20.98 47.55
N LEU D 150 -13.98 -19.69 47.51
CA LEU D 150 -14.80 -19.18 46.41
C LEU D 150 -14.04 -19.13 45.07
N ARG D 151 -12.84 -18.52 45.02
CA ARG D 151 -12.02 -18.52 43.78
C ARG D 151 -11.85 -19.93 43.19
N VAL D 152 -11.65 -20.91 44.07
CA VAL D 152 -11.49 -22.30 43.64
C VAL D 152 -12.79 -22.85 43.08
N SER D 153 -13.87 -22.76 43.84
CA SER D 153 -15.12 -23.43 43.41
C SER D 153 -15.70 -22.84 42.12
N ILE D 154 -15.35 -21.60 41.81
CA ILE D 154 -15.68 -20.95 40.53
C ILE D 154 -15.11 -21.69 39.31
N ILE D 155 -13.82 -21.99 39.40
CA ILE D 155 -13.11 -22.71 38.34
C ILE D 155 -13.74 -24.06 38.06
N ILE D 156 -13.99 -24.82 39.13
CA ILE D 156 -14.37 -26.22 38.96
C ILE D 156 -15.81 -26.19 38.42
N THR D 157 -16.57 -25.20 38.85
CA THR D 157 -17.94 -25.00 38.36
C THR D 157 -17.95 -24.66 36.88
N GLN D 158 -17.04 -23.77 36.47
CA GLN D 158 -16.90 -23.44 35.06
C GLN D 158 -16.72 -24.69 34.21
N ALA D 159 -15.79 -25.55 34.64
CA ALA D 159 -15.53 -26.80 33.94
C ALA D 159 -16.80 -27.66 33.81
N ILE D 160 -17.54 -27.81 34.92
CA ILE D 160 -18.81 -28.57 34.94
C ILE D 160 -19.93 -27.91 34.10
N MET D 161 -20.10 -26.59 34.26
CA MET D 161 -21.22 -25.89 33.61
C MET D 161 -21.03 -25.71 32.11
N TYR D 162 -19.79 -25.40 31.69
CA TYR D 162 -19.48 -25.36 30.28
C TYR D 162 -19.88 -26.69 29.69
N LEU D 163 -19.34 -27.75 30.30
CA LEU D 163 -19.49 -29.09 29.78
C LEU D 163 -20.96 -29.45 29.63
N PHE D 164 -21.74 -29.15 30.67
CA PHE D 164 -23.18 -29.43 30.72
C PHE D 164 -23.95 -28.64 29.66
N LEU D 165 -23.65 -27.34 29.57
CA LEU D 165 -24.37 -26.41 28.66
C LEU D 165 -24.03 -26.68 27.19
N LEU D 166 -22.77 -27.05 26.96
CA LEU D 166 -22.35 -27.48 25.66
C LEU D 166 -23.19 -28.65 25.15
N VAL D 167 -23.18 -29.76 25.89
CA VAL D 167 -23.91 -30.96 25.44
C VAL D 167 -25.40 -30.65 25.38
N ALA D 168 -25.91 -29.94 26.39
CA ALA D 168 -27.33 -29.67 26.48
C ALA D 168 -27.80 -28.85 25.30
N TYR D 169 -27.03 -27.82 24.91
CA TYR D 169 -27.39 -26.95 23.77
C TYR D 169 -27.45 -27.74 22.45
N VAL D 170 -26.45 -28.60 22.24
CA VAL D 170 -26.40 -29.53 21.11
C VAL D 170 -27.65 -30.40 21.12
N ILE D 171 -27.93 -31.02 22.28
CA ILE D 171 -29.03 -31.97 22.40
C ILE D 171 -30.35 -31.23 22.33
N SER D 172 -30.58 -30.29 23.23
CA SER D 172 -31.82 -29.50 23.23
C SER D 172 -31.54 -28.00 23.45
N PRO D 173 -31.50 -27.23 22.36
CA PRO D 173 -31.44 -25.79 22.59
C PRO D 173 -32.76 -25.26 23.18
N ARG D 174 -33.88 -25.95 23.00
CA ARG D 174 -35.11 -25.57 23.70
C ARG D 174 -34.95 -25.62 25.23
N PHE D 175 -34.34 -26.69 25.72
CA PHE D 175 -34.13 -26.85 27.13
C PHE D 175 -33.19 -25.77 27.68
N VAL D 176 -32.10 -25.44 26.98
CA VAL D 176 -31.15 -24.45 27.52
C VAL D 176 -31.76 -23.04 27.50
N HIS D 177 -32.46 -22.67 26.45
CA HIS D 177 -33.08 -21.36 26.43
C HIS D 177 -34.10 -21.22 27.56
N ARG D 178 -34.88 -22.28 27.83
CA ARG D 178 -35.92 -22.24 28.91
C ARG D 178 -35.29 -22.26 30.31
N PHE D 179 -34.22 -23.02 30.47
CA PHE D 179 -33.41 -23.01 31.69
C PHE D 179 -33.06 -21.59 32.03
N VAL D 180 -32.41 -20.92 31.09
CA VAL D 180 -32.01 -19.50 31.22
C VAL D 180 -33.22 -18.59 31.46
N GLY D 181 -34.29 -18.86 30.72
CA GLY D 181 -35.59 -18.29 31.01
C GLY D 181 -35.85 -18.27 32.51
N TYR D 182 -35.75 -19.43 33.15
CA TYR D 182 -36.00 -19.53 34.59
C TYR D 182 -34.88 -18.98 35.49
N LEU D 183 -33.61 -19.10 35.10
CA LEU D 183 -32.53 -18.43 35.85
C LEU D 183 -32.73 -16.91 35.90
N GLU D 184 -33.13 -16.32 34.77
CA GLU D 184 -33.34 -14.90 34.70
C GLU D 184 -34.58 -14.47 35.48
N GLU D 185 -35.57 -15.37 35.62
CA GLU D 185 -36.73 -15.13 36.49
C GLU D 185 -36.28 -14.94 37.94
N GLU D 186 -35.42 -15.85 38.42
CA GLU D 186 -34.80 -15.73 39.73
C GLU D 186 -33.93 -14.48 39.84
N ALA D 187 -33.12 -14.18 38.83
CA ALA D 187 -32.15 -13.06 38.94
C ALA D 187 -32.86 -11.73 39.14
N VAL D 188 -34.02 -11.58 38.50
CA VAL D 188 -34.86 -10.40 38.68
C VAL D 188 -35.36 -10.42 40.12
N ILE D 189 -35.85 -11.57 40.59
CA ILE D 189 -36.22 -11.72 41.98
C ILE D 189 -35.01 -11.35 42.87
N THR D 190 -33.88 -11.98 42.67
CA THR D 190 -32.70 -11.59 43.40
C THR D 190 -32.51 -10.07 43.39
N TYR D 191 -32.43 -9.45 42.22
CA TYR D 191 -32.05 -8.02 42.19
C TYR D 191 -33.15 -7.07 42.68
N THR D 192 -34.42 -7.50 42.71
CA THR D 192 -35.45 -6.64 43.31
C THR D 192 -35.39 -6.78 44.85
N GLY D 193 -35.11 -7.96 45.38
CA GLY D 193 -34.85 -8.08 46.82
C GLY D 193 -33.69 -7.19 47.31
N VAL D 194 -32.64 -7.10 46.51
CA VAL D 194 -31.54 -6.23 46.87
C VAL D 194 -32.05 -4.80 46.88
N MET D 195 -32.87 -4.44 45.89
CA MET D 195 -33.46 -3.10 45.85
C MET D 195 -34.41 -2.82 47.01
N ARG D 196 -35.19 -3.83 47.43
CA ARG D 196 -36.12 -3.71 48.58
C ARG D 196 -35.28 -3.48 49.82
N ALA D 197 -34.21 -4.27 49.95
CA ALA D 197 -33.28 -4.16 51.08
C ALA D 197 -32.53 -2.85 51.16
N ILE D 198 -32.37 -2.11 50.08
CA ILE D 198 -31.85 -0.73 50.18
C ILE D 198 -32.94 0.25 50.63
N ASP D 199 -34.17 0.07 50.14
CA ASP D 199 -35.29 0.93 50.47
C ASP D 199 -35.68 0.88 51.93
N GLU D 200 -35.52 -0.30 52.52
CA GLU D 200 -35.74 -0.60 53.93
C GLU D 200 -34.63 -0.10 54.88
N GLY D 201 -33.55 0.47 54.36
CA GLY D 201 -32.39 0.87 55.15
C GLY D 201 -31.52 -0.27 55.64
N ARG D 202 -31.58 -1.43 55.00
CA ARG D 202 -30.97 -2.69 55.52
C ARG D 202 -29.61 -3.03 54.93
N LEU D 203 -29.50 -2.83 53.61
CA LEU D 203 -28.24 -2.57 52.95
C LEU D 203 -28.22 -1.08 52.77
N ARG D 204 -27.06 -0.49 52.98
CA ARG D 204 -26.94 0.97 53.00
C ARG D 204 -25.75 1.36 52.13
N PRO D 205 -25.80 1.00 50.81
CA PRO D 205 -24.68 1.24 49.91
C PRO D 205 -23.98 2.56 50.14
N THR D 206 -23.00 2.48 51.06
CA THR D 206 -21.91 3.44 51.29
C THR D 206 -20.84 3.26 50.16
N LYS D 207 -20.93 2.14 49.42
CA LYS D 207 -20.31 2.00 48.09
C LYS D 207 -21.20 2.64 46.98
N ASN D 208 -22.10 3.58 47.36
CA ASN D 208 -22.81 4.59 46.49
C ASN D 208 -21.87 5.51 45.70
N ASP D 209 -20.58 5.39 46.00
CA ASP D 209 -19.57 5.39 44.97
C ASP D 209 -19.61 3.98 44.22
N VAL D 210 -20.41 4.00 43.15
CA VAL D 210 -20.55 2.97 42.12
C VAL D 210 -19.25 2.86 41.28
N PRO D 211 -18.80 1.65 40.89
CA PRO D 211 -17.52 1.54 40.13
C PRO D 211 -17.55 2.17 38.74
N GLU D 212 -16.42 2.66 38.24
CA GLU D 212 -16.44 3.43 36.98
C GLU D 212 -16.81 2.58 35.76
N VAL D 213 -16.34 1.34 35.76
CA VAL D 213 -16.76 0.33 34.77
C VAL D 213 -18.25 0.41 34.51
N ALA D 214 -19.03 0.49 35.57
CA ALA D 214 -20.49 0.50 35.46
C ALA D 214 -21.05 1.86 35.07
N ARG D 215 -20.48 2.95 35.59
CA ARG D 215 -20.86 4.30 35.12
C ARG D 215 -20.77 4.42 33.58
N VAL D 216 -19.64 4.01 32.96
CA VAL D 216 -19.53 4.18 31.51
C VAL D 216 -20.42 3.23 30.73
N TYR D 217 -20.49 1.96 31.16
CA TYR D 217 -21.24 0.92 30.43
C TYR D 217 -22.75 1.24 30.35
N TRP D 218 -23.31 1.70 31.48
CA TRP D 218 -24.73 2.02 31.53
C TRP D 218 -24.97 3.50 31.32
N ASN D 219 -23.89 4.28 31.19
CA ASN D 219 -23.97 5.71 30.95
C ASN D 219 -24.80 6.40 32.03
N LEU D 220 -24.53 6.00 33.26
CA LEU D 220 -25.15 6.56 34.41
C LEU D 220 -24.56 7.93 34.62
N SER D 221 -25.27 8.70 35.42
CA SER D 221 -24.85 10.00 35.92
C SER D 221 -23.72 9.84 36.93
N LYS D 222 -23.02 10.94 37.24
CA LYS D 222 -22.14 10.98 38.42
C LYS D 222 -23.00 10.82 39.68
N ASN D 223 -24.21 11.37 39.60
CA ASN D 223 -25.20 11.33 40.68
C ASN D 223 -26.00 10.03 40.83
N ALA D 224 -25.70 9.00 40.06
CA ALA D 224 -26.47 7.78 40.19
C ALA D 224 -26.18 7.18 41.55
N THR D 225 -27.23 6.70 42.23
CA THR D 225 -27.13 5.98 43.50
C THR D 225 -26.66 4.56 43.22
N PHE D 226 -26.26 3.84 44.24
CA PHE D 226 -26.04 2.41 44.05
C PHE D 226 -27.35 1.70 43.72
N ARG D 227 -28.50 2.22 44.15
CA ARG D 227 -29.78 1.58 43.77
C ARG D 227 -30.02 1.64 42.26
N ASP D 228 -29.60 2.73 41.63
CA ASP D 228 -29.65 2.91 40.17
C ASP D 228 -28.82 1.81 39.40
N LEU D 229 -27.65 1.47 39.92
CA LEU D 229 -26.78 0.39 39.36
C LEU D 229 -27.51 -0.92 39.39
N ILE D 230 -28.18 -1.21 40.51
CA ILE D 230 -28.94 -2.46 40.62
C ILE D 230 -30.17 -2.42 39.71
N ASN D 231 -30.86 -1.29 39.67
CA ASN D 231 -32.01 -1.18 38.77
C ASN D 231 -31.67 -1.47 37.27
N VAL D 232 -30.56 -0.92 36.76
CA VAL D 232 -30.11 -1.22 35.36
C VAL D 232 -29.70 -2.67 35.17
N ILE D 233 -28.94 -3.22 36.11
CA ILE D 233 -28.64 -4.63 36.10
C ILE D 233 -29.92 -5.44 36.11
N ARG D 234 -30.90 -5.03 36.90
CA ARG D 234 -32.15 -5.79 36.99
C ARG D 234 -32.90 -5.74 35.64
N ALA D 235 -32.78 -4.64 34.91
CA ALA D 235 -33.39 -4.50 33.57
C ALA D 235 -32.77 -5.40 32.50
N ASP D 236 -31.42 -5.44 32.48
CA ASP D 236 -30.64 -6.35 31.64
C ASP D 236 -31.11 -7.78 31.79
N GLU D 237 -31.22 -8.25 33.04
CA GLU D 237 -31.66 -9.61 33.39
C GLU D 237 -33.08 -9.87 32.95
N ALA D 238 -33.92 -8.84 33.00
CA ALA D 238 -35.29 -8.91 32.47
C ALA D 238 -35.33 -8.98 30.95
N GLU D 239 -34.43 -8.26 30.28
CA GLU D 239 -34.29 -8.41 28.82
C GLU D 239 -33.96 -9.86 28.50
N HIS D 240 -32.97 -10.43 29.20
CA HIS D 240 -32.59 -11.81 28.96
C HIS D 240 -33.67 -12.79 29.32
N ARG D 241 -34.52 -12.43 30.27
CA ARG D 241 -35.62 -13.29 30.65
C ARG D 241 -36.57 -13.52 29.46
N VAL D 242 -37.05 -12.46 28.82
CA VAL D 242 -38.03 -12.64 27.73
C VAL D 242 -37.39 -13.05 26.42
N VAL D 243 -36.13 -12.66 26.19
CA VAL D 243 -35.42 -13.08 25.01
C VAL D 243 -35.31 -14.63 25.02
N ASN D 244 -34.75 -15.20 26.08
CA ASN D 244 -34.61 -16.66 26.20
C ASN D 244 -35.92 -17.45 26.33
N HIS D 245 -36.99 -16.85 26.83
CA HIS D 245 -38.28 -17.56 26.87
C HIS D 245 -38.89 -17.50 25.50
N THR D 246 -38.61 -16.43 24.79
CA THR D 246 -39.04 -16.30 23.39
C THR D 246 -38.26 -17.30 22.51
N PHE D 247 -36.94 -17.35 22.69
CA PHE D 247 -36.13 -18.28 21.92
C PHE D 247 -36.61 -19.70 22.19
N ALA D 248 -36.72 -20.10 23.46
CA ALA D 248 -37.33 -21.41 23.81
C ALA D 248 -38.65 -21.64 23.06
N ASP D 249 -39.57 -20.72 23.16
CA ASP D 249 -40.84 -20.87 22.45
C ASP D 249 -40.63 -21.15 20.97
N MET D 250 -39.66 -20.47 20.35
CA MET D 250 -39.46 -20.56 18.89
C MET D 250 -38.99 -21.95 18.47
N HIS D 251 -38.09 -22.54 19.24
CA HIS D 251 -37.72 -23.92 19.05
C HIS D 251 -38.94 -24.89 19.16
N GLU D 252 -39.83 -24.66 20.11
CA GLU D 252 -41.01 -25.50 20.28
C GLU D 252 -41.94 -25.47 19.07
N LYS D 253 -42.17 -24.29 18.50
CA LYS D 253 -43.01 -24.14 17.30
C LYS D 253 -42.18 -24.32 15.99
N ARG D 254 -40.96 -24.82 16.16
CA ARG D 254 -40.01 -25.10 15.09
C ARG D 254 -39.48 -23.89 14.31
N LEU D 255 -39.69 -22.67 14.80
CA LEU D 255 -39.23 -21.44 14.15
C LEU D 255 -37.74 -21.05 14.41
N GLN D 256 -36.88 -21.98 14.81
CA GLN D 256 -35.47 -21.63 15.11
C GLN D 256 -34.56 -21.14 13.94
N ASN D 257 -34.98 -21.29 12.68
CA ASN D 257 -34.29 -20.61 11.57
C ASN D 257 -35.11 -19.44 11.08
N SER D 258 -35.82 -18.76 11.98
CA SER D 258 -36.60 -17.58 11.60
C SER D 258 -35.83 -16.34 12.01
N VAL D 259 -36.24 -15.21 11.49
CA VAL D 259 -35.76 -13.92 11.96
C VAL D 259 -35.81 -13.81 13.49
N ASN D 260 -34.69 -13.38 14.10
CA ASN D 260 -34.63 -13.09 15.53
C ASN D 260 -35.43 -11.84 15.72
N PRO D 261 -36.61 -11.94 16.33
CA PRO D 261 -37.50 -10.78 16.29
C PRO D 261 -36.96 -9.57 17.04
N PHE D 262 -36.10 -9.76 18.03
CA PHE D 262 -35.57 -8.64 18.82
C PHE D 262 -34.63 -7.69 18.07
N VAL D 263 -34.18 -8.06 16.87
CA VAL D 263 -33.46 -7.12 15.99
C VAL D 263 -34.35 -6.00 15.48
N VAL D 264 -35.58 -6.30 15.11
CA VAL D 264 -36.55 -5.24 14.76
C VAL D 264 -37.11 -4.53 16.01
N LEU D 265 -37.36 -5.27 17.09
CA LEU D 265 -38.05 -4.71 18.26
C LEU D 265 -37.22 -3.72 19.07
N LYS D 266 -35.95 -4.01 19.28
CA LYS D 266 -35.10 -3.08 20.02
C LYS D 266 -34.78 -1.81 19.23
N LYS D 267 -34.45 -1.95 17.94
CA LYS D 267 -34.06 -0.80 17.10
C LYS D 267 -35.25 0.06 16.63
N ASN D 268 -36.24 -0.51 15.94
CA ASN D 268 -37.40 0.24 15.34
C ASN D 268 -38.65 -0.61 15.05
N PRO D 269 -39.69 -0.54 15.92
CA PRO D 269 -40.89 -1.43 15.77
C PRO D 269 -41.88 -1.28 14.57
N GLU D 270 -41.57 -0.49 13.53
CA GLU D 270 -42.41 -0.42 12.33
C GLU D 270 -42.25 -1.67 11.43
N GLU D 271 -43.39 -2.29 11.11
CA GLU D 271 -43.48 -3.67 10.62
C GLU D 271 -44.61 -3.83 9.61
#